data_3W6O
#
_entry.id   3W6O
#
_cell.length_a   51.240
_cell.length_b   109.070
_cell.length_c   128.300
_cell.angle_alpha   90.00
_cell.angle_beta   90.00
_cell.angle_gamma   90.00
#
_symmetry.space_group_name_H-M   'P 21 21 21'
#
loop_
_entity.id
_entity.type
_entity.pdbx_description
1 polymer 'Dynamin-1-like protein'
2 non-polymer 'PHOSPHOMETHYLPHOSPHONIC ACID GUANYLATE ESTER'
3 non-polymer 'MAGNESIUM ION'
4 non-polymer 'TETRAETHYLENE GLYCOL'
5 non-polymer 'CALCIUM ION'
6 water water
#
_entity_poly.entity_id   1
_entity_poly.type   'polypeptide(L)'
_entity_poly.pdbx_seq_one_letter_code
;GPMEALIPVINKLQDVFNTVGADIIQLPQIVVVGTQSSGKSSVLESLVGRDLLPRGTGIVTRRPLILQLVHVSQEDKRKT
TGEENGVEAEEWGKFLHTKNKLYTDFDEIRQEIENETERISGNNKGVSPEPIHLKIFSPNVVNLTLVDLPGMTKVPVGDQ
PKDIELQIRELILRFISNPNSIILAVTAANTDMATSEALKISREVDPDGRRTLAVITKLDLMDAGTDAMDVLMGRVIPVK
LGIIGVVNRSQLDINNKKSVTDSIRDEYAFLQKKYPSLANRNGTKYLARTLNRLLMHHIRDCLPELKTRINVLAAQYQSL
LNSYGEPVDDKHGTDSRRKEAADMLKALQGASQIIAEIRETHLW
;
_entity_poly.pdbx_strand_id   A,B
#
# COMPACT_ATOMS: atom_id res chain seq x y z
N GLY A 1 -12.03 16.46 25.08
CA GLY A 1 -11.06 15.67 24.27
C GLY A 1 -10.46 14.51 25.05
N PRO A 2 -9.82 13.57 24.35
CA PRO A 2 -9.21 12.44 25.04
C PRO A 2 -7.79 12.76 25.55
N MET A 3 -7.33 13.98 25.29
CA MET A 3 -6.01 14.44 25.76
C MET A 3 -6.06 15.66 26.67
N GLU A 4 -6.83 15.55 27.75
CA GLU A 4 -6.94 16.64 28.73
C GLU A 4 -6.04 16.42 29.94
N ALA A 5 -5.50 15.21 30.06
CA ALA A 5 -4.78 14.78 31.26
C ALA A 5 -3.58 15.65 31.66
N LEU A 6 -2.89 16.22 30.67
CA LEU A 6 -1.70 17.05 30.94
C LEU A 6 -2.00 18.48 31.35
N ILE A 7 -3.26 18.89 31.25
CA ILE A 7 -3.64 20.26 31.60
C ILE A 7 -3.13 20.69 32.99
N PRO A 8 -3.42 19.91 34.04
CA PRO A 8 -2.96 20.33 35.36
C PRO A 8 -1.43 20.28 35.51
N VAL A 9 -0.79 19.36 34.79
CA VAL A 9 0.69 19.28 34.80
C VAL A 9 1.34 20.51 34.15
N ILE A 10 0.84 20.89 32.97
CA ILE A 10 1.37 22.07 32.27
C ILE A 10 1.06 23.36 33.02
N ASN A 11 -0.13 23.42 33.64
CA ASN A 11 -0.48 24.57 34.50
C ASN A 11 0.55 24.82 35.60
N LYS A 12 0.93 23.77 36.31
CA LYS A 12 1.96 23.97 37.35
C LYS A 12 3.38 24.14 36.78
N LEU A 13 3.64 23.55 35.61
CA LEU A 13 4.92 23.76 34.93
C LEU A 13 5.08 25.22 34.54
N GLN A 14 3.98 25.83 34.09
CA GLN A 14 3.92 27.24 33.75
C GLN A 14 4.22 28.12 34.96
N ASP A 15 3.62 27.75 36.11
CA ASP A 15 3.86 28.43 37.39
C ASP A 15 5.34 28.53 37.71
N VAL A 16 6.07 27.44 37.46
CA VAL A 16 7.50 27.38 37.71
C VAL A 16 8.26 28.29 36.74
N PHE A 17 7.90 28.24 35.46
CA PHE A 17 8.53 29.08 34.45
C PHE A 17 8.24 30.57 34.66
N ASN A 18 7.03 30.87 35.13
CA ASN A 18 6.66 32.23 35.54
C ASN A 18 7.48 32.73 36.71
N THR A 19 7.65 31.89 37.72
CA THR A 19 8.42 32.21 38.93
C THR A 19 9.90 32.44 38.61
N VAL A 20 10.49 31.51 37.86
CA VAL A 20 11.92 31.54 37.53
C VAL A 20 12.28 32.54 36.43
N GLY A 21 11.27 33.06 35.73
CA GLY A 21 11.47 34.08 34.71
C GLY A 21 11.83 33.56 33.32
N ALA A 22 11.99 32.25 33.21
CA ALA A 22 12.34 31.60 31.94
C ALA A 22 11.13 31.49 31.02
N ASP A 23 11.39 31.24 29.74
CA ASP A 23 10.34 30.93 28.77
C ASP A 23 10.02 29.44 28.86
N ILE A 24 8.73 29.11 28.96
CA ILE A 24 8.33 27.69 29.06
C ILE A 24 8.82 26.89 27.85
N ILE A 25 9.26 25.67 28.12
CA ILE A 25 9.70 24.75 27.07
C ILE A 25 8.56 24.44 26.12
N GLN A 26 8.91 23.96 24.93
CA GLN A 26 7.92 23.53 23.95
C GLN A 26 7.84 22.01 24.00
N LEU A 27 6.63 21.49 24.13
CA LEU A 27 6.38 20.08 23.96
C LEU A 27 6.76 19.70 22.53
N PRO A 28 7.19 18.45 22.28
CA PRO A 28 7.45 18.08 20.89
C PRO A 28 6.19 18.21 20.02
N GLN A 29 6.39 18.55 18.75
CA GLN A 29 5.30 18.54 17.77
C GLN A 29 4.87 17.10 17.54
N ILE A 30 3.57 16.87 17.40
CA ILE A 30 3.08 15.55 17.06
C ILE A 30 2.77 15.55 15.55
N VAL A 31 3.50 14.73 14.80
CA VAL A 31 3.43 14.73 13.33
C VAL A 31 2.91 13.40 12.79
N VAL A 32 1.89 13.48 11.94
CA VAL A 32 1.30 12.30 11.34
C VAL A 32 1.92 12.00 9.96
N VAL A 33 2.37 10.77 9.78
CA VAL A 33 3.03 10.39 8.51
C VAL A 33 2.49 9.07 7.97
N GLY A 34 2.46 8.94 6.65
CA GLY A 34 1.96 7.72 6.07
C GLY A 34 1.58 7.87 4.61
N THR A 35 1.31 6.73 4.01
CA THR A 35 0.84 6.65 2.63
C THR A 35 -0.45 7.45 2.48
N GLN A 36 -0.64 8.05 1.31
CA GLN A 36 -1.92 8.68 0.99
C GLN A 36 -3.11 7.75 1.29
N SER A 37 -4.10 8.31 1.99
CA SER A 37 -5.34 7.64 2.39
C SER A 37 -5.26 6.72 3.61
N SER A 38 -4.10 6.65 4.27
CA SER A 38 -3.93 5.73 5.41
C SER A 38 -4.80 6.11 6.63
N GLY A 39 -5.38 7.32 6.64
CA GLY A 39 -6.25 7.74 7.75
C GLY A 39 -5.60 8.74 8.70
N LYS A 40 -4.63 9.48 8.19
CA LYS A 40 -3.82 10.38 9.00
C LYS A 40 -4.60 11.51 9.65
N SER A 41 -5.36 12.24 8.84
CA SER A 41 -6.10 13.41 9.30
C SER A 41 -7.17 12.97 10.31
N SER A 42 -7.79 11.82 10.04
CA SER A 42 -8.75 11.21 10.97
C SER A 42 -8.12 10.93 12.35
N VAL A 43 -6.92 10.34 12.33
CA VAL A 43 -6.16 10.08 13.57
C VAL A 43 -5.83 11.37 14.31
N LEU A 44 -5.28 12.36 13.59
CA LEU A 44 -4.82 13.60 14.23
C LEU A 44 -5.95 14.40 14.87
N GLU A 45 -7.07 14.52 14.18
CA GLU A 45 -8.18 15.27 14.76
C GLU A 45 -8.85 14.51 15.91
N SER A 46 -8.70 13.19 15.95
CA SER A 46 -9.22 12.39 17.07
C SER A 46 -8.54 12.74 18.40
N LEU A 47 -7.31 13.28 18.33
CA LEU A 47 -6.61 13.80 19.51
C LEU A 47 -7.23 15.09 20.06
N VAL A 48 -7.93 15.81 19.19
CA VAL A 48 -8.62 17.04 19.53
C VAL A 48 -10.07 16.73 19.95
N GLY A 49 -10.70 15.74 19.31
CA GLY A 49 -12.07 15.34 19.63
C GLY A 49 -13.13 16.26 19.03
N ARG A 50 -12.67 17.21 18.22
CA ARG A 50 -13.53 18.07 17.43
C ARG A 50 -13.22 17.82 15.98
N ASP A 51 -14.23 17.85 15.12
CA ASP A 51 -14.00 17.66 13.71
C ASP A 51 -13.58 19.00 13.12
N LEU A 52 -12.34 19.06 12.63
CA LEU A 52 -11.85 20.29 12.02
C LEU A 52 -10.97 20.08 10.78
N LEU A 53 -10.51 18.84 10.56
CA LEU A 53 -9.62 18.55 9.42
C LEU A 53 -10.37 17.92 8.23
N PRO A 54 -10.10 18.41 6.99
CA PRO A 54 -10.73 17.79 5.84
C PRO A 54 -10.29 16.33 5.70
N ARG A 55 -11.27 15.45 5.61
CA ARG A 55 -11.01 14.03 5.42
C ARG A 55 -11.87 13.57 4.26
N GLY A 56 -11.43 12.52 3.57
CA GLY A 56 -12.16 12.02 2.41
C GLY A 56 -11.38 11.01 1.59
N THR A 57 -11.93 10.67 0.42
CA THR A 57 -11.31 9.72 -0.50
C THR A 57 -10.33 10.44 -1.45
N GLY A 58 -9.41 9.69 -2.04
CA GLY A 58 -8.41 10.29 -2.95
C GLY A 58 -7.45 11.20 -2.20
N ILE A 59 -6.86 12.16 -2.91
CA ILE A 59 -5.89 13.05 -2.27
C ILE A 59 -6.62 14.20 -1.59
N VAL A 60 -6.44 14.33 -0.28
CA VAL A 60 -7.17 15.32 0.48
C VAL A 60 -6.25 16.39 1.08
N THR A 61 -5.34 15.99 1.98
CA THR A 61 -4.41 16.94 2.61
C THR A 61 -3.32 17.34 1.61
N ARG A 62 -3.31 18.61 1.18
CA ARG A 62 -2.43 19.02 0.08
C ARG A 62 -1.47 20.17 0.45
N ARG A 63 -1.50 20.54 1.74
CA ARG A 63 -0.55 21.48 2.35
C ARG A 63 -0.33 21.01 3.79
N PRO A 64 0.85 21.30 4.38
CA PRO A 64 0.96 20.98 5.80
C PRO A 64 -0.01 21.86 6.57
N LEU A 65 -0.59 21.31 7.63
CA LEU A 65 -1.37 22.11 8.56
C LEU A 65 -0.64 22.10 9.89
N ILE A 66 -0.25 23.29 10.35
CA ILE A 66 0.38 23.40 11.65
C ILE A 66 -0.72 23.84 12.58
N LEU A 67 -1.21 22.86 13.34
CA LEU A 67 -2.35 23.04 14.22
C LEU A 67 -1.85 23.23 15.65
N GLN A 68 -1.82 24.48 16.08
CA GLN A 68 -1.35 24.82 17.41
C GLN A 68 -2.53 24.91 18.36
N LEU A 69 -2.58 23.96 19.29
CA LEU A 69 -3.55 24.02 20.37
C LEU A 69 -3.00 24.99 21.41
N VAL A 70 -3.82 25.96 21.80
CA VAL A 70 -3.39 26.97 22.76
C VAL A 70 -4.33 26.92 23.94
N HIS A 71 -3.77 26.62 25.11
CA HIS A 71 -4.54 26.58 26.35
C HIS A 71 -4.98 27.98 26.74
N VAL A 72 -6.26 28.12 27.06
CA VAL A 72 -6.80 29.41 27.51
C VAL A 72 -7.09 29.36 29.02
N SER A 73 -6.43 30.25 29.76
CA SER A 73 -6.63 30.38 31.20
C SER A 73 -7.79 31.34 31.52
N GLN A 74 -8.10 31.47 32.81
CA GLN A 74 -9.21 32.32 33.30
C GLN A 74 -9.32 33.69 32.60
N GLU A 75 -8.18 34.39 32.47
CA GLU A 75 -8.09 35.70 31.79
C GLU A 75 -9.43 36.34 31.41
N ALA A 89 -18.54 31.65 22.85
CA ALA A 89 -18.03 30.29 22.71
C ALA A 89 -16.83 30.05 23.62
N GLU A 90 -16.69 28.82 24.09
CA GLU A 90 -15.53 28.45 24.92
C GLU A 90 -14.29 28.14 24.05
N GLU A 91 -14.53 27.56 22.87
CA GLU A 91 -13.45 27.22 21.94
C GLU A 91 -13.53 28.05 20.66
N TRP A 92 -12.37 28.47 20.15
CA TRP A 92 -12.31 29.23 18.91
C TRP A 92 -10.99 29.09 18.14
N GLY A 93 -11.06 29.31 16.82
CA GLY A 93 -9.89 29.17 15.95
C GLY A 93 -9.43 30.48 15.34
N LYS A 94 -8.13 30.56 15.06
CA LYS A 94 -7.56 31.71 14.35
C LYS A 94 -6.50 31.23 13.36
N PHE A 95 -6.67 31.60 12.09
CA PHE A 95 -5.67 31.34 11.05
C PHE A 95 -4.75 32.54 10.93
N LEU A 96 -3.45 32.30 10.75
CA LEU A 96 -2.49 33.37 10.51
C LEU A 96 -2.86 34.20 9.27
N HIS A 97 -3.24 33.52 8.18
CA HIS A 97 -3.53 34.18 6.90
C HIS A 97 -4.76 35.13 6.90
N THR A 98 -5.73 34.89 7.77
CA THR A 98 -6.87 35.81 7.93
C THR A 98 -6.72 36.83 9.08
N LYS A 99 -5.52 36.84 9.67
CA LYS A 99 -5.21 37.60 10.87
C LYS A 99 -6.43 37.35 11.78
N ASN A 100 -7.08 38.41 12.21
CA ASN A 100 -7.87 38.50 13.44
C ASN A 100 -9.27 37.87 13.45
N LYS A 101 -9.71 37.34 12.30
CA LYS A 101 -11.01 36.65 12.26
C LYS A 101 -11.02 35.47 13.23
N LEU A 102 -12.08 35.39 14.03
CA LEU A 102 -12.21 34.38 15.07
C LEU A 102 -13.32 33.42 14.70
N TYR A 103 -12.97 32.13 14.62
CA TYR A 103 -13.91 31.10 14.18
C TYR A 103 -14.42 30.31 15.37
N THR A 104 -15.74 30.30 15.54
CA THR A 104 -16.35 29.52 16.61
C THR A 104 -17.04 28.27 16.04
N ASP A 105 -17.28 28.30 14.74
CA ASP A 105 -17.91 27.20 14.01
C ASP A 105 -16.83 26.28 13.42
N PHE A 106 -16.74 25.06 13.94
CA PHE A 106 -15.65 24.15 13.52
C PHE A 106 -15.80 23.60 12.10
N ASP A 107 -17.02 23.52 11.59
CA ASP A 107 -17.27 23.17 10.17
C ASP A 107 -16.72 24.25 9.24
N GLU A 108 -16.82 25.50 9.66
CA GLU A 108 -16.29 26.63 8.90
C GLU A 108 -14.76 26.62 8.94
N ILE A 109 -14.19 26.22 10.07
CA ILE A 109 -12.73 26.07 10.17
C ILE A 109 -12.26 25.03 9.14
N ARG A 110 -12.93 23.88 9.12
CA ARG A 110 -12.62 22.80 8.16
C ARG A 110 -12.72 23.28 6.72
N GLN A 111 -13.80 24.01 6.41
CA GLN A 111 -14.00 24.58 5.08
C GLN A 111 -12.88 25.56 4.71
N GLU A 112 -12.41 26.33 5.69
CA GLU A 112 -11.34 27.29 5.43
C GLU A 112 -10.00 26.61 5.16
N ILE A 113 -9.73 25.50 5.84
CA ILE A 113 -8.58 24.67 5.48
C ILE A 113 -8.64 24.26 4.00
N GLU A 114 -9.81 23.81 3.57
CA GLU A 114 -10.04 23.41 2.16
C GLU A 114 -9.88 24.61 1.24
N ASN A 115 -10.49 25.74 1.61
CA ASN A 115 -10.36 26.99 0.82
C ASN A 115 -8.90 27.39 0.65
N GLU A 116 -8.17 27.48 1.77
CA GLU A 116 -6.76 27.86 1.77
C GLU A 116 -5.90 26.91 0.95
N THR A 117 -6.25 25.63 0.99
CA THR A 117 -5.53 24.58 0.26
C THR A 117 -5.70 24.82 -1.25
N GLU A 118 -6.94 25.10 -1.65
CA GLU A 118 -7.20 25.41 -3.05
C GLU A 118 -6.49 26.68 -3.51
N ARG A 119 -6.47 27.69 -2.66
CA ARG A 119 -5.85 28.98 -3.03
C ARG A 119 -4.40 28.81 -3.46
N ILE A 120 -3.66 27.97 -2.74
CA ILE A 120 -2.22 27.79 -2.97
C ILE A 120 -1.91 26.56 -3.83
N SER A 121 -2.56 25.44 -3.53
CA SER A 121 -2.27 24.16 -4.21
C SER A 121 -3.07 23.94 -5.49
N GLY A 122 -4.05 24.81 -5.75
CA GLY A 122 -4.89 24.66 -6.92
C GLY A 122 -6.04 23.69 -6.71
N ASN A 123 -6.85 23.50 -7.75
CA ASN A 123 -8.05 22.69 -7.66
C ASN A 123 -7.93 21.37 -8.46
N ASN A 124 -6.69 20.96 -8.73
CA ASN A 124 -6.46 19.74 -9.48
C ASN A 124 -5.29 18.91 -8.95
N LYS A 125 -5.41 18.52 -7.68
CA LYS A 125 -4.58 17.50 -7.01
C LYS A 125 -3.13 17.93 -6.70
N GLY A 126 -2.84 19.21 -6.93
CA GLY A 126 -1.52 19.77 -6.62
C GLY A 126 -1.21 19.74 -5.14
N VAL A 127 0.08 19.70 -4.79
CA VAL A 127 0.53 19.66 -3.40
C VAL A 127 1.56 20.78 -3.19
N SER A 128 1.37 21.57 -2.14
CA SER A 128 2.30 22.66 -1.80
C SER A 128 2.90 22.46 -0.42
N PRO A 129 4.20 22.77 -0.28
CA PRO A 129 4.85 22.72 1.03
C PRO A 129 4.54 23.91 1.95
N GLU A 130 3.86 24.93 1.44
CA GLU A 130 3.55 26.11 2.27
C GLU A 130 2.53 25.73 3.35
N PRO A 131 2.90 25.90 4.63
CA PRO A 131 2.01 25.50 5.71
C PRO A 131 0.84 26.45 5.93
N ILE A 132 -0.28 25.87 6.35
CA ILE A 132 -1.41 26.61 6.88
C ILE A 132 -1.24 26.64 8.39
N HIS A 133 -1.27 27.84 8.97
CA HIS A 133 -1.09 28.00 10.41
C HIS A 133 -2.43 28.26 11.06
N LEU A 134 -2.82 27.36 11.96
CA LEU A 134 -4.10 27.45 12.65
C LEU A 134 -3.91 27.31 14.16
N LYS A 135 -4.52 28.23 14.89
CA LYS A 135 -4.56 28.14 16.35
C LYS A 135 -5.97 27.77 16.79
N ILE A 136 -6.07 26.79 17.68
CA ILE A 136 -7.33 26.45 18.34
C ILE A 136 -7.19 26.78 19.82
N PHE A 137 -7.98 27.74 20.28
CA PHE A 137 -7.95 28.23 21.65
C PHE A 137 -9.01 27.50 22.47
N SER A 138 -8.60 26.90 23.57
CA SER A 138 -9.53 26.12 24.41
C SER A 138 -9.04 25.99 25.85
N PRO A 139 -9.98 25.95 26.83
CA PRO A 139 -9.57 25.64 28.20
C PRO A 139 -9.38 24.14 28.39
N ASN A 140 -9.83 23.35 27.42
CA ASN A 140 -9.74 21.90 27.50
C ASN A 140 -8.64 21.27 26.62
N VAL A 141 -7.67 22.09 26.25
CA VAL A 141 -6.51 21.61 25.50
C VAL A 141 -5.26 22.09 26.19
N VAL A 142 -4.17 21.36 26.00
CA VAL A 142 -2.86 21.78 26.44
C VAL A 142 -2.18 22.53 25.29
N ASN A 143 -1.16 23.32 25.62
CA ASN A 143 -0.30 23.93 24.60
C ASN A 143 0.45 22.85 23.86
N LEU A 144 0.05 22.57 22.62
CA LEU A 144 0.62 21.44 21.88
C LEU A 144 0.45 21.66 20.39
N THR A 145 1.48 21.34 19.62
CA THR A 145 1.41 21.51 18.17
C THR A 145 1.25 20.18 17.45
N LEU A 146 0.19 20.08 16.66
CA LEU A 146 -0.05 18.90 15.85
C LEU A 146 0.16 19.28 14.39
N VAL A 147 0.75 18.36 13.63
CA VAL A 147 1.12 18.68 12.26
C VAL A 147 0.49 17.66 11.30
N ASP A 148 -0.39 18.13 10.43
CA ASP A 148 -1.02 17.26 9.45
C ASP A 148 -0.26 17.37 8.14
N LEU A 149 -0.05 16.24 7.47
CA LEU A 149 0.77 16.26 6.25
C LEU A 149 0.13 15.51 5.10
N PRO A 150 0.44 15.92 3.84
CA PRO A 150 0.09 15.10 2.67
C PRO A 150 0.68 13.68 2.79
N GLY A 151 -0.02 12.70 2.22
CA GLY A 151 0.42 11.31 2.27
C GLY A 151 1.38 10.99 1.14
N MET A 152 2.25 10.01 1.37
CA MET A 152 3.21 9.58 0.34
C MET A 152 2.47 8.91 -0.83
N THR A 153 3.04 9.07 -2.03
CA THR A 153 2.39 8.66 -3.26
C THR A 153 3.41 8.04 -4.23
N LYS A 154 2.94 7.56 -5.39
CA LYS A 154 3.83 6.84 -6.32
C LYS A 154 3.72 7.32 -7.77
N VAL A 155 2.51 7.67 -8.21
CA VAL A 155 2.28 8.09 -9.60
C VAL A 155 1.61 9.48 -9.64
N PRO A 156 2.23 10.43 -10.36
CA PRO A 156 1.67 11.78 -10.44
C PRO A 156 0.27 11.77 -11.04
N VAL A 157 -0.66 12.52 -10.44
CA VAL A 157 -1.99 12.72 -11.00
C VAL A 157 -2.31 14.21 -11.08
N GLY A 158 -3.31 14.55 -11.89
CA GLY A 158 -3.70 15.95 -12.09
C GLY A 158 -2.54 16.89 -12.36
N ASP A 159 -2.45 17.97 -11.58
CA ASP A 159 -1.40 19.01 -11.74
C ASP A 159 0.01 18.62 -11.27
N GLN A 160 0.13 17.50 -10.58
CA GLN A 160 1.39 17.12 -9.95
C GLN A 160 2.52 16.91 -10.94
N PRO A 161 3.71 17.42 -10.60
CA PRO A 161 4.92 17.23 -11.40
C PRO A 161 5.45 15.80 -11.32
N LYS A 162 6.42 15.47 -12.18
CA LYS A 162 6.96 14.10 -12.27
C LYS A 162 7.58 13.61 -10.95
N ASP A 163 8.14 14.55 -10.19
CA ASP A 163 8.86 14.21 -8.95
C ASP A 163 8.02 14.47 -7.70
N ILE A 164 6.70 14.39 -7.85
CA ILE A 164 5.78 14.66 -6.75
C ILE A 164 6.08 13.76 -5.54
N GLU A 165 6.44 12.50 -5.79
CA GLU A 165 6.72 11.58 -4.69
C GLU A 165 7.85 12.11 -3.79
N LEU A 166 8.93 12.55 -4.44
CA LEU A 166 10.09 13.08 -3.72
C LEU A 166 9.76 14.40 -3.04
N GLN A 167 8.95 15.22 -3.70
CA GLN A 167 8.53 16.51 -3.11
C GLN A 167 7.78 16.27 -1.81
N ILE A 168 6.88 15.29 -1.82
CA ILE A 168 6.10 14.97 -0.62
C ILE A 168 6.98 14.35 0.46
N ARG A 169 7.82 13.40 0.05
CA ARG A 169 8.69 12.72 1.02
C ARG A 169 9.63 13.70 1.73
N GLU A 170 10.21 14.63 0.99
CA GLU A 170 11.12 15.63 1.58
C GLU A 170 10.38 16.64 2.45
N LEU A 171 9.15 16.98 2.04
CA LEU A 171 8.26 17.77 2.89
C LEU A 171 8.06 17.11 4.25
N ILE A 172 7.80 15.81 4.24
CA ILE A 172 7.61 15.05 5.47
C ILE A 172 8.89 15.06 6.31
N LEU A 173 10.01 14.76 5.65
CA LEU A 173 11.31 14.72 6.33
C LEU A 173 11.66 16.06 6.97
N ARG A 174 11.25 17.15 6.34
CA ARG A 174 11.48 18.49 6.88
C ARG A 174 10.87 18.61 8.29
N PHE A 175 9.69 18.00 8.48
CA PHE A 175 9.04 18.01 9.78
C PHE A 175 9.53 16.94 10.76
N ILE A 176 9.65 15.70 10.32
CA ILE A 176 10.00 14.61 11.26
C ILE A 176 11.50 14.48 11.58
N SER A 177 12.36 15.13 10.82
CA SER A 177 13.79 15.17 11.16
C SER A 177 14.07 16.05 12.37
N ASN A 178 13.12 16.91 12.74
CA ASN A 178 13.18 17.67 13.98
C ASN A 178 13.25 16.70 15.16
N PRO A 179 14.36 16.72 15.93
CA PRO A 179 14.48 15.80 17.06
C PRO A 179 13.41 16.02 18.14
N ASN A 180 12.81 17.21 18.19
CA ASN A 180 11.72 17.52 19.13
C ASN A 180 10.36 17.35 18.44
N SER A 181 10.17 16.18 17.84
CA SER A 181 8.89 15.78 17.27
C SER A 181 8.59 14.34 17.63
N ILE A 182 7.32 14.04 17.88
CA ILE A 182 6.87 12.67 18.00
C ILE A 182 6.21 12.30 16.71
N ILE A 183 6.56 11.13 16.20
CA ILE A 183 6.03 10.68 14.91
C ILE A 183 4.90 9.69 15.11
N LEU A 184 3.71 10.03 14.59
CA LEU A 184 2.63 9.06 14.52
C LEU A 184 2.70 8.39 13.16
N ALA A 185 3.20 7.16 13.18
CA ALA A 185 3.43 6.39 11.97
C ALA A 185 2.17 5.59 11.67
N VAL A 186 1.44 6.05 10.66
CA VAL A 186 0.08 5.56 10.38
C VAL A 186 0.11 4.59 9.22
N THR A 187 -0.39 3.40 9.47
CA THR A 187 -0.49 2.34 8.47
C THR A 187 -1.89 1.75 8.49
N ALA A 188 -2.52 1.61 7.32
CA ALA A 188 -3.84 0.97 7.22
C ALA A 188 -3.73 -0.52 7.45
N ALA A 189 -4.68 -1.06 8.24
CA ALA A 189 -4.71 -2.48 8.61
C ALA A 189 -5.00 -3.40 7.42
N ASN A 190 -5.64 -2.86 6.38
CA ASN A 190 -5.92 -3.64 5.19
C ASN A 190 -4.73 -3.63 4.20
N THR A 191 -3.54 -3.39 4.73
CA THR A 191 -2.30 -3.50 3.99
C THR A 191 -1.36 -4.31 4.86
N ASP A 192 -0.35 -4.96 4.26
CA ASP A 192 0.61 -5.72 5.05
C ASP A 192 1.50 -4.76 5.82
N MET A 193 1.71 -5.03 7.10
CA MET A 193 2.51 -4.12 7.91
C MET A 193 3.92 -3.88 7.33
N ALA A 194 4.53 -4.93 6.79
CA ALA A 194 5.86 -4.81 6.19
C ALA A 194 5.92 -3.82 5.02
N THR A 195 4.75 -3.43 4.50
CA THR A 195 4.68 -2.43 3.43
C THR A 195 4.45 -1.00 3.97
N SER A 196 4.59 -0.81 5.28
CA SER A 196 4.34 0.51 5.90
C SER A 196 5.35 1.55 5.45
N GLU A 197 4.91 2.50 4.64
CA GLU A 197 5.76 3.61 4.27
C GLU A 197 6.04 4.54 5.45
N ALA A 198 5.07 4.62 6.36
CA ALA A 198 5.24 5.41 7.59
C ALA A 198 6.38 4.87 8.45
N LEU A 199 6.41 3.55 8.63
CA LEU A 199 7.45 2.95 9.46
C LEU A 199 8.83 3.00 8.77
N LYS A 200 8.85 2.81 7.45
CA LYS A 200 10.10 2.96 6.71
C LYS A 200 10.71 4.35 6.94
N ILE A 201 9.90 5.40 6.75
CA ILE A 201 10.41 6.77 6.86
C ILE A 201 10.73 7.17 8.31
N SER A 202 9.94 6.68 9.26
CA SER A 202 10.19 6.90 10.68
C SER A 202 11.56 6.36 11.11
N ARG A 203 11.89 5.17 10.61
CA ARG A 203 13.15 4.52 10.94
C ARG A 203 14.36 5.24 10.34
N GLU A 204 14.16 5.98 9.26
CA GLU A 204 15.21 6.83 8.72
C GLU A 204 15.63 7.99 9.63
N VAL A 205 14.67 8.63 10.29
CA VAL A 205 14.99 9.76 11.18
C VAL A 205 15.08 9.36 12.65
N ASP A 206 14.45 8.24 13.00
CA ASP A 206 14.40 7.71 14.36
C ASP A 206 14.79 6.22 14.35
N PRO A 207 16.07 5.92 14.04
CA PRO A 207 16.47 4.52 13.88
C PRO A 207 16.26 3.64 15.13
N ASP A 208 16.33 4.22 16.32
CA ASP A 208 16.15 3.42 17.54
C ASP A 208 14.74 3.45 18.15
N GLY A 209 13.80 4.07 17.44
CA GLY A 209 12.39 4.09 17.86
C GLY A 209 12.08 4.83 19.15
N ARG A 210 12.91 5.83 19.49
CA ARG A 210 12.73 6.63 20.70
C ARG A 210 11.55 7.59 20.63
N ARG A 211 11.04 7.85 19.42
CA ARG A 211 9.98 8.86 19.27
C ARG A 211 8.97 8.53 18.16
N THR A 212 8.78 7.24 17.92
CA THR A 212 7.87 6.75 16.87
C THR A 212 6.81 5.90 17.52
N LEU A 213 5.55 6.26 17.30
CA LEU A 213 4.43 5.47 17.77
C LEU A 213 3.59 5.02 16.59
N ALA A 214 3.37 3.70 16.49
CA ALA A 214 2.71 3.15 15.33
C ALA A 214 1.22 3.07 15.59
N VAL A 215 0.45 3.54 14.63
CA VAL A 215 -0.99 3.50 14.68
C VAL A 215 -1.46 2.66 13.51
N ILE A 216 -2.36 1.73 13.77
CA ILE A 216 -2.92 0.87 12.74
C ILE A 216 -4.40 1.21 12.58
N THR A 217 -4.73 1.84 11.45
CA THR A 217 -6.09 2.33 11.22
C THR A 217 -6.89 1.27 10.46
N LYS A 218 -8.20 1.50 10.33
CA LYS A 218 -9.03 0.69 9.43
C LYS A 218 -9.06 -0.81 9.76
N LEU A 219 -8.95 -1.15 11.04
CA LEU A 219 -9.12 -2.55 11.47
C LEU A 219 -10.42 -3.15 10.92
N ASP A 220 -11.44 -2.31 10.79
CA ASP A 220 -12.76 -2.78 10.35
C ASP A 220 -12.77 -3.20 8.88
N LEU A 221 -11.76 -2.80 8.10
CA LEU A 221 -11.74 -3.10 6.66
C LEU A 221 -10.91 -4.32 6.26
N MET A 222 -10.40 -5.05 7.24
CA MET A 222 -9.61 -6.24 6.95
C MET A 222 -10.44 -7.35 6.29
N ASP A 223 -9.82 -8.02 5.32
CA ASP A 223 -10.40 -9.18 4.63
C ASP A 223 -10.94 -10.20 5.63
N ALA A 224 -12.12 -10.74 5.36
CA ALA A 224 -12.66 -11.84 6.19
C ALA A 224 -11.66 -12.98 6.22
N GLY A 225 -11.56 -13.64 7.36
CA GLY A 225 -10.57 -14.69 7.61
C GLY A 225 -9.21 -14.16 8.00
N THR A 226 -9.10 -12.84 8.23
CA THR A 226 -7.84 -12.24 8.65
C THR A 226 -8.09 -11.29 9.80
N ASP A 227 -7.03 -11.00 10.53
CA ASP A 227 -7.07 -9.98 11.57
C ASP A 227 -5.68 -9.45 11.85
N ALA A 228 -5.61 -8.40 12.66
CA ALA A 228 -4.34 -7.74 12.97
C ALA A 228 -3.73 -8.18 14.31
N MET A 229 -4.05 -9.39 14.77
CA MET A 229 -3.52 -9.87 16.05
C MET A 229 -1.99 -9.88 16.12
N ASP A 230 -1.34 -10.49 15.13
CA ASP A 230 0.12 -10.55 15.07
C ASP A 230 0.73 -9.16 15.00
N VAL A 231 0.16 -8.29 14.16
CA VAL A 231 0.58 -6.89 14.07
C VAL A 231 0.51 -6.16 15.42
N LEU A 232 -0.63 -6.29 16.09
CA LEU A 232 -0.87 -5.53 17.32
C LEU A 232 -0.11 -6.10 18.52
N MET A 233 0.33 -7.35 18.42
CA MET A 233 1.15 -7.98 19.47
C MET A 233 2.64 -7.85 19.20
N GLY A 234 2.99 -7.04 18.21
CA GLY A 234 4.40 -6.78 17.87
C GLY A 234 5.14 -7.97 17.28
N ARG A 235 4.40 -8.89 16.66
CA ARG A 235 4.99 -10.09 16.05
C ARG A 235 5.32 -9.98 14.56
N VAL A 236 4.99 -8.84 13.95
CA VAL A 236 5.39 -8.59 12.57
C VAL A 236 6.57 -7.62 12.56
N ILE A 237 6.30 -6.33 12.77
CA ILE A 237 7.35 -5.34 12.96
C ILE A 237 7.25 -4.89 14.42
N PRO A 238 8.34 -5.05 15.18
CA PRO A 238 8.31 -4.57 16.56
C PRO A 238 8.48 -3.06 16.56
N VAL A 239 7.63 -2.37 17.31
CA VAL A 239 7.85 -0.96 17.54
C VAL A 239 7.79 -0.65 19.04
N LYS A 240 8.93 -0.20 19.54
CA LYS A 240 9.24 -0.08 20.97
C LYS A 240 8.16 0.68 21.75
N LEU A 241 7.75 1.84 21.24
CA LEU A 241 6.81 2.69 21.97
C LEU A 241 5.36 2.22 21.92
N GLY A 242 5.05 1.30 21.01
CA GLY A 242 3.72 0.73 20.93
C GLY A 242 3.15 0.67 19.53
N ILE A 243 2.18 -0.23 19.33
CA ILE A 243 1.44 -0.36 18.08
C ILE A 243 -0.01 -0.34 18.51
N ILE A 244 -0.74 0.70 18.11
CA ILE A 244 -2.09 0.94 18.63
C ILE A 244 -3.11 0.96 17.49
N GLY A 245 -4.06 0.04 17.57
CA GLY A 245 -5.10 -0.09 16.54
C GLY A 245 -6.28 0.83 16.81
N VAL A 246 -6.82 1.45 15.77
CA VAL A 246 -7.96 2.36 15.89
C VAL A 246 -8.97 2.08 14.79
N VAL A 247 -10.24 2.44 15.03
CA VAL A 247 -11.28 2.42 14.01
C VAL A 247 -11.94 3.80 13.92
N ASN A 248 -11.61 4.52 12.87
CA ASN A 248 -12.22 5.82 12.61
C ASN A 248 -13.36 5.72 11.60
N ARG A 249 -14.01 6.84 11.31
CA ARG A 249 -15.20 6.84 10.47
C ARG A 249 -14.92 6.48 9.01
N SER A 250 -15.77 5.62 8.45
CA SER A 250 -15.76 5.28 7.03
C SER A 250 -16.18 6.48 6.20
N GLN A 251 -16.04 6.38 4.87
CA GLN A 251 -16.51 7.48 4.03
C GLN A 251 -18.03 7.61 4.14
N LEU A 252 -18.72 6.48 4.20
CA LEU A 252 -20.17 6.48 4.44
C LEU A 252 -20.52 7.26 5.72
N ASP A 253 -19.78 6.99 6.80
CA ASP A 253 -19.96 7.72 8.07
C ASP A 253 -19.73 9.22 7.92
N ILE A 254 -18.67 9.61 7.21
CA ILE A 254 -18.40 11.03 6.95
C ILE A 254 -19.57 11.66 6.18
N ASN A 255 -20.01 11.00 5.12
CA ASN A 255 -21.15 11.48 4.33
C ASN A 255 -22.42 11.65 5.16
N ASN A 256 -22.62 10.73 6.10
CA ASN A 256 -23.79 10.74 6.99
C ASN A 256 -23.59 11.58 8.26
N LYS A 257 -22.44 12.22 8.37
CA LYS A 257 -22.13 13.15 9.48
C LYS A 257 -22.16 12.49 10.85
N LYS A 258 -21.76 11.22 10.91
CA LYS A 258 -21.64 10.48 12.16
C LYS A 258 -20.72 11.21 13.15
N SER A 259 -21.18 11.33 14.40
CA SER A 259 -20.46 12.09 15.42
C SER A 259 -19.21 11.37 15.89
N VAL A 260 -18.31 12.12 16.51
CA VAL A 260 -17.14 11.58 17.21
C VAL A 260 -17.55 10.60 18.32
N THR A 261 -18.56 10.98 19.12
CA THR A 261 -19.06 10.13 20.20
C THR A 261 -19.45 8.74 19.69
N ASP A 262 -20.23 8.72 18.62
CA ASP A 262 -20.65 7.46 18.01
C ASP A 262 -19.47 6.68 17.43
N SER A 263 -18.55 7.39 16.79
CA SER A 263 -17.34 6.74 16.25
C SER A 263 -16.58 6.00 17.36
N ILE A 264 -16.34 6.69 18.47
CA ILE A 264 -15.61 6.11 19.61
C ILE A 264 -16.33 4.92 20.23
N ARG A 265 -17.65 5.05 20.41
CA ARG A 265 -18.47 3.97 20.96
C ARG A 265 -18.34 2.70 20.11
N ASP A 266 -18.50 2.87 18.80
CA ASP A 266 -18.40 1.77 17.86
C ASP A 266 -17.01 1.18 17.75
N GLU A 267 -16.00 2.03 17.88
CA GLU A 267 -14.61 1.57 17.95
C GLU A 267 -14.43 0.65 19.15
N TYR A 268 -14.95 1.07 20.30
CA TYR A 268 -14.83 0.29 21.54
C TYR A 268 -15.51 -1.08 21.35
N ALA A 269 -16.71 -1.07 20.79
CA ALA A 269 -17.49 -2.29 20.57
C ALA A 269 -16.75 -3.23 19.61
N PHE A 270 -16.13 -2.65 18.58
CA PHE A 270 -15.42 -3.45 17.59
C PHE A 270 -14.22 -4.18 18.22
N LEU A 271 -13.45 -3.46 19.03
CA LEU A 271 -12.30 -4.04 19.73
C LEU A 271 -12.71 -5.11 20.73
N GLN A 272 -13.77 -4.87 21.49
CA GLN A 272 -14.29 -5.88 22.39
C GLN A 272 -14.72 -7.16 21.64
N LYS A 273 -15.33 -6.97 20.47
CA LYS A 273 -15.88 -8.07 19.68
C LYS A 273 -14.76 -8.88 19.01
N LYS A 274 -13.81 -8.17 18.40
CA LYS A 274 -12.82 -8.81 17.54
C LYS A 274 -11.42 -8.92 18.15
N TYR A 275 -11.12 -8.11 19.17
CA TYR A 275 -9.81 -8.13 19.81
C TYR A 275 -9.92 -8.11 21.35
N PRO A 276 -10.78 -8.97 21.93
CA PRO A 276 -11.06 -8.84 23.37
C PRO A 276 -9.84 -8.88 24.29
N SER A 277 -8.86 -9.73 23.98
CA SER A 277 -7.64 -9.87 24.79
C SER A 277 -6.71 -8.65 24.72
N LEU A 278 -6.84 -7.85 23.66
CA LEU A 278 -6.01 -6.65 23.46
C LEU A 278 -6.74 -5.30 23.54
N ALA A 279 -8.05 -5.33 23.73
CA ALA A 279 -8.91 -4.14 23.62
C ALA A 279 -8.52 -3.00 24.57
N ASN A 280 -8.02 -3.35 25.74
CA ASN A 280 -7.62 -2.35 26.73
C ASN A 280 -6.30 -1.65 26.43
N ARG A 281 -5.58 -2.14 25.40
CA ARG A 281 -4.35 -1.52 24.94
C ARG A 281 -4.46 -1.05 23.47
N ASN A 282 -5.69 -0.80 23.05
CA ASN A 282 -5.98 -0.29 21.70
C ASN A 282 -7.13 0.68 21.72
N GLY A 283 -7.33 1.38 20.61
CA GLY A 283 -8.38 2.38 20.54
C GLY A 283 -7.86 3.79 20.72
N THR A 284 -8.74 4.74 20.46
CA THR A 284 -8.35 6.14 20.41
C THR A 284 -8.01 6.69 21.80
N LYS A 285 -8.78 6.30 22.81
CA LYS A 285 -8.49 6.77 24.16
C LYS A 285 -7.12 6.28 24.63
N TYR A 286 -6.77 5.05 24.29
CA TYR A 286 -5.46 4.48 24.62
C TYR A 286 -4.33 5.15 23.86
N LEU A 287 -4.58 5.49 22.59
CA LEU A 287 -3.63 6.29 21.82
C LEU A 287 -3.33 7.61 22.54
N ALA A 288 -4.38 8.32 22.94
CA ALA A 288 -4.24 9.59 23.63
C ALA A 288 -3.43 9.44 24.94
N ARG A 289 -3.77 8.42 25.73
CA ARG A 289 -3.05 8.13 26.98
C ARG A 289 -1.57 7.82 26.74
N THR A 290 -1.31 7.06 25.68
CA THR A 290 0.06 6.69 25.33
C THR A 290 0.87 7.90 24.94
N LEU A 291 0.25 8.81 24.19
CA LEU A 291 0.91 10.05 23.79
C LEU A 291 1.18 10.94 25.01
N ASN A 292 0.21 11.00 25.94
CA ASN A 292 0.38 11.70 27.22
C ASN A 292 1.59 11.22 27.99
N ARG A 293 1.79 9.91 28.02
CA ARG A 293 2.95 9.33 28.73
C ARG A 293 4.26 9.74 28.08
N LEU A 294 4.30 9.71 26.75
CA LEU A 294 5.47 10.18 26.00
C LEU A 294 5.76 11.65 26.22
N LEU A 295 4.72 12.49 26.16
CA LEU A 295 4.86 13.92 26.48
C LEU A 295 5.39 14.15 27.91
N MET A 296 4.88 13.37 28.86
CA MET A 296 5.33 13.42 30.25
C MET A 296 6.80 13.04 30.38
N HIS A 297 7.20 12.01 29.63
CA HIS A 297 8.60 11.57 29.59
C HIS A 297 9.46 12.75 29.17
N HIS A 298 9.01 13.46 28.14
CA HIS A 298 9.73 14.61 27.63
C HIS A 298 9.78 15.75 28.65
N ILE A 299 8.67 15.97 29.37
CA ILE A 299 8.58 16.98 30.41
C ILE A 299 9.62 16.73 31.51
N ARG A 300 9.70 15.48 31.96
CA ARG A 300 10.63 15.07 33.01
C ARG A 300 12.10 15.29 32.63
N ASP A 301 12.39 15.39 31.34
CA ASP A 301 13.76 15.65 30.86
C ASP A 301 14.14 17.13 30.86
N CYS A 302 13.15 18.00 30.95
CA CYS A 302 13.39 19.44 31.04
C CYS A 302 13.62 19.86 32.49
N LEU A 303 13.18 19.03 33.42
CA LEU A 303 13.18 19.39 34.84
C LEU A 303 14.56 19.65 35.48
N PRO A 304 15.58 18.84 35.15
CA PRO A 304 16.93 19.16 35.68
C PRO A 304 17.41 20.56 35.28
N GLU A 305 17.17 20.95 34.03
CA GLU A 305 17.45 22.31 33.54
C GLU A 305 16.70 23.37 34.35
N LEU A 306 15.43 23.10 34.65
CA LEU A 306 14.61 23.97 35.49
C LEU A 306 15.09 24.02 36.94
N LYS A 307 15.55 22.88 37.45
CA LYS A 307 16.03 22.74 38.82
C LYS A 307 17.23 23.61 39.13
N THR A 308 18.26 23.52 38.28
CA THR A 308 19.49 24.27 38.45
C THR A 308 19.25 25.77 38.44
N ARG A 309 18.30 26.21 37.62
CA ARG A 309 17.87 27.61 37.56
C ARG A 309 17.33 28.10 38.90
N ILE A 310 16.43 27.31 39.49
CA ILE A 310 15.81 27.64 40.77
C ILE A 310 16.86 27.79 41.87
N ASN A 311 17.81 26.85 41.91
CA ASN A 311 18.87 26.83 42.92
C ASN A 311 19.80 28.06 42.89
N VAL A 312 20.06 28.57 41.68
CA VAL A 312 20.93 29.74 41.51
C VAL A 312 20.20 31.02 41.93
N LEU A 313 18.96 31.18 41.48
CA LEU A 313 18.15 32.36 41.83
C LEU A 313 17.77 32.42 43.31
N ALA A 314 17.57 31.26 43.93
CA ALA A 314 17.27 31.19 45.36
C ALA A 314 18.48 31.63 46.21
N ALA A 315 19.67 31.22 45.78
CA ALA A 315 20.93 31.64 46.41
C ALA A 315 21.21 33.13 46.17
N GLN A 316 20.71 33.63 45.04
CA GLN A 316 20.81 35.03 44.65
C GLN A 316 19.92 35.92 45.54
N TYR A 317 18.68 35.48 45.76
CA TYR A 317 17.74 36.18 46.63
C TYR A 317 18.08 36.06 48.12
N GLN A 318 18.75 34.97 48.50
CA GLN A 318 19.07 34.70 49.90
C GLN A 318 20.30 35.47 50.38
N SER A 319 21.19 35.83 49.46
CA SER A 319 22.34 36.68 49.76
C SER A 319 21.90 38.11 50.06
N LEU A 320 20.76 38.50 49.45
CA LEU A 320 20.12 39.77 49.74
C LEU A 320 19.45 39.71 51.12
N LEU A 321 20.25 39.91 52.16
CA LEU A 321 19.74 39.85 53.55
C LEU A 321 20.28 40.98 54.43
N ASN A 322 19.76 41.05 55.66
CA ASN A 322 20.09 42.09 56.67
C ASN A 322 20.15 43.53 56.13
N ARG A 337 11.36 46.08 49.63
CA ARG A 337 12.62 45.43 49.30
C ARG A 337 12.75 44.09 50.01
N ARG A 338 12.65 44.11 51.34
CA ARG A 338 12.86 42.94 52.19
C ARG A 338 11.70 41.94 52.16
N LYS A 339 10.53 42.40 51.76
CA LYS A 339 9.36 41.54 51.64
C LYS A 339 9.31 40.86 50.27
N GLU A 340 9.56 41.63 49.22
CA GLU A 340 9.48 41.14 47.84
C GLU A 340 10.58 40.13 47.47
N ALA A 341 11.69 40.17 48.22
CA ALA A 341 12.76 39.17 48.10
C ALA A 341 12.47 37.94 48.98
N ALA A 342 11.78 38.17 50.08
CA ALA A 342 11.40 37.11 51.02
C ALA A 342 10.32 36.19 50.46
N ASP A 343 9.31 36.77 49.80
CA ASP A 343 8.22 35.98 49.23
C ASP A 343 8.54 35.40 47.83
N MET A 344 9.53 35.97 47.16
CA MET A 344 10.06 35.36 45.93
C MET A 344 10.92 34.13 46.26
N LEU A 345 11.57 34.17 47.42
CA LEU A 345 12.27 33.01 47.97
C LEU A 345 11.26 31.92 48.33
N LYS A 346 10.09 32.33 48.82
CA LYS A 346 8.96 31.44 49.07
C LYS A 346 8.40 30.83 47.77
N ALA A 347 8.34 31.65 46.72
CA ALA A 347 7.86 31.22 45.41
C ALA A 347 8.86 30.30 44.69
N LEU A 348 10.15 30.51 44.95
CA LEU A 348 11.20 29.60 44.47
C LEU A 348 11.11 28.24 45.14
N GLN A 349 10.89 28.24 46.45
CA GLN A 349 10.67 27.03 47.24
C GLN A 349 9.48 26.22 46.73
N GLY A 350 8.38 26.92 46.44
CA GLY A 350 7.18 26.29 45.88
C GLY A 350 7.44 25.63 44.54
N ALA A 351 8.29 26.27 43.73
CA ALA A 351 8.65 25.76 42.42
C ALA A 351 9.43 24.44 42.49
N SER A 352 10.35 24.34 43.45
CA SER A 352 11.13 23.11 43.67
C SER A 352 10.19 21.95 44.01
N GLN A 353 9.19 22.22 44.85
CA GLN A 353 8.24 21.18 45.22
C GLN A 353 7.32 20.80 44.05
N ILE A 354 6.88 21.79 43.27
CA ILE A 354 6.12 21.53 42.04
C ILE A 354 6.88 20.61 41.09
N ILE A 355 8.18 20.86 40.92
CA ILE A 355 9.02 19.97 40.12
C ILE A 355 8.96 18.52 40.63
N ALA A 356 9.11 18.35 41.94
CA ALA A 356 9.01 17.03 42.57
C ALA A 356 7.64 16.41 42.29
N GLU A 357 6.58 17.21 42.39
CA GLU A 357 5.21 16.73 42.15
C GLU A 357 5.02 16.25 40.71
N ILE A 358 5.53 17.02 39.76
CA ILE A 358 5.48 16.63 38.35
C ILE A 358 6.16 15.27 38.14
N ARG A 359 7.33 15.09 38.73
CA ARG A 359 8.05 13.82 38.63
C ARG A 359 7.27 12.63 39.19
N GLU A 360 6.36 12.91 40.11
CA GLU A 360 5.63 11.86 40.81
C GLU A 360 4.21 11.65 40.28
N THR A 361 3.85 12.40 39.25
CA THR A 361 2.48 12.46 38.77
C THR A 361 2.16 11.25 37.88
N HIS A 362 1.05 10.59 38.18
CA HIS A 362 0.54 9.48 37.37
C HIS A 362 -0.62 9.95 36.49
N LEU A 363 -0.62 9.52 35.23
CA LEU A 363 -1.67 9.92 34.28
C LEU A 363 -2.63 8.80 33.92
N TRP A 364 -3.90 9.17 33.74
CA TRP A 364 -4.89 8.31 33.08
C TRP A 364 -5.88 9.13 32.23
N GLY B 1 -10.36 -23.24 -18.41
CA GLY B 1 -9.81 -21.91 -18.06
C GLY B 1 -10.30 -20.86 -19.04
N PRO B 2 -10.08 -19.57 -18.72
CA PRO B 2 -10.59 -18.44 -19.50
C PRO B 2 -9.71 -18.06 -20.71
N MET B 3 -8.57 -18.74 -20.88
CA MET B 3 -7.61 -18.43 -21.94
C MET B 3 -7.42 -19.58 -22.94
N GLU B 4 -8.53 -20.17 -23.37
CA GLU B 4 -8.46 -21.26 -24.36
C GLU B 4 -8.64 -20.78 -25.81
N ALA B 5 -9.06 -19.53 -25.99
CA ALA B 5 -9.42 -19.06 -27.33
C ALA B 5 -8.32 -19.19 -28.40
N LEU B 6 -7.07 -19.02 -28.02
CA LEU B 6 -5.96 -19.07 -28.98
C LEU B 6 -5.49 -20.47 -29.33
N ILE B 7 -6.06 -21.48 -28.67
CA ILE B 7 -5.65 -22.86 -28.95
C ILE B 7 -5.65 -23.22 -30.45
N PRO B 8 -6.77 -23.01 -31.18
CA PRO B 8 -6.74 -23.39 -32.62
C PRO B 8 -5.66 -22.64 -33.41
N VAL B 9 -5.41 -21.38 -33.06
CA VAL B 9 -4.38 -20.58 -33.71
C VAL B 9 -2.99 -21.11 -33.41
N ILE B 10 -2.72 -21.44 -32.15
CA ILE B 10 -1.41 -21.98 -31.83
C ILE B 10 -1.20 -23.41 -32.34
N ASN B 11 -2.28 -24.19 -32.50
CA ASN B 11 -2.15 -25.49 -33.19
C ASN B 11 -1.69 -25.32 -34.64
N LYS B 12 -2.27 -24.34 -35.31
CA LYS B 12 -1.84 -23.96 -36.65
C LYS B 12 -0.40 -23.49 -36.69
N LEU B 13 -0.03 -22.63 -35.75
CA LEU B 13 1.37 -22.22 -35.61
C LEU B 13 2.28 -23.44 -35.43
N GLN B 14 1.85 -24.42 -34.63
CA GLN B 14 2.67 -25.60 -34.38
C GLN B 14 2.93 -26.43 -35.64
N ASP B 15 1.91 -26.54 -36.49
CA ASP B 15 2.06 -27.21 -37.78
C ASP B 15 3.15 -26.53 -38.60
N VAL B 16 3.14 -25.20 -38.63
CA VAL B 16 4.16 -24.44 -39.33
C VAL B 16 5.53 -24.64 -38.68
N PHE B 17 5.59 -24.53 -37.35
CA PHE B 17 6.86 -24.72 -36.63
C PHE B 17 7.45 -26.11 -36.87
N ASN B 18 6.57 -27.13 -36.90
CA ASN B 18 7.01 -28.50 -37.16
C ASN B 18 7.66 -28.64 -38.55
N THR B 19 7.14 -27.90 -39.53
CA THR B 19 7.67 -27.93 -40.89
C THR B 19 8.96 -27.12 -40.99
N VAL B 20 8.95 -25.95 -40.36
CA VAL B 20 10.06 -25.02 -40.42
C VAL B 20 11.22 -25.46 -39.50
N GLY B 21 10.92 -26.33 -38.54
CA GLY B 21 11.93 -26.89 -37.65
C GLY B 21 12.40 -25.94 -36.56
N ALA B 22 11.55 -24.97 -36.20
CA ALA B 22 11.82 -24.07 -35.07
C ALA B 22 10.55 -23.31 -34.65
N ASP B 23 10.46 -23.02 -33.35
CA ASP B 23 9.31 -22.32 -32.79
C ASP B 23 9.53 -20.81 -32.93
N ILE B 24 9.34 -20.32 -34.16
CA ILE B 24 9.78 -18.99 -34.57
C ILE B 24 9.10 -17.83 -33.87
N ILE B 25 7.81 -18.00 -33.55
CA ILE B 25 7.09 -16.98 -32.83
C ILE B 25 6.94 -17.41 -31.37
N GLN B 26 7.43 -16.56 -30.47
CA GLN B 26 7.28 -16.78 -29.04
C GLN B 26 6.32 -15.73 -28.49
N LEU B 27 5.29 -16.17 -27.79
CA LEU B 27 4.38 -15.24 -27.15
C LEU B 27 5.12 -14.48 -26.05
N PRO B 28 4.76 -13.19 -25.83
CA PRO B 28 5.34 -12.48 -24.68
C PRO B 28 5.03 -13.19 -23.38
N GLN B 29 5.96 -13.10 -22.44
CA GLN B 29 5.74 -13.62 -21.09
C GLN B 29 4.77 -12.69 -20.36
N ILE B 30 3.92 -13.26 -19.52
CA ILE B 30 2.99 -12.45 -18.74
C ILE B 30 3.48 -12.41 -17.30
N VAL B 31 3.77 -11.20 -16.80
CA VAL B 31 4.46 -11.03 -15.53
C VAL B 31 3.60 -10.19 -14.58
N VAL B 32 3.31 -10.72 -13.38
CA VAL B 32 2.55 -9.95 -12.39
C VAL B 32 3.46 -9.18 -11.46
N VAL B 33 3.14 -7.90 -11.27
CA VAL B 33 3.91 -7.03 -10.39
C VAL B 33 2.98 -6.21 -9.50
N GLY B 34 3.47 -5.87 -8.32
CA GLY B 34 2.72 -5.06 -7.38
C GLY B 34 3.24 -5.19 -5.97
N THR B 35 2.74 -4.33 -5.10
CA THR B 35 2.95 -4.42 -3.66
C THR B 35 2.63 -5.81 -3.12
N GLN B 36 3.42 -6.26 -2.13
CA GLN B 36 3.10 -7.45 -1.37
C GLN B 36 1.62 -7.45 -0.94
N SER B 37 0.95 -8.58 -1.16
CA SER B 37 -0.48 -8.84 -0.81
C SER B 37 -1.53 -8.27 -1.76
N SER B 38 -1.10 -7.66 -2.86
CA SER B 38 -2.03 -7.01 -3.79
C SER B 38 -2.92 -8.01 -4.56
N GLY B 39 -2.61 -9.31 -4.46
CA GLY B 39 -3.44 -10.35 -5.08
C GLY B 39 -2.87 -10.90 -6.37
N LYS B 40 -1.55 -10.72 -6.55
CA LYS B 40 -0.84 -11.13 -7.76
C LYS B 40 -0.95 -12.62 -8.10
N SER B 41 -0.65 -13.49 -7.15
CA SER B 41 -0.68 -14.95 -7.42
C SER B 41 -2.10 -15.38 -7.74
N SER B 42 -3.08 -14.77 -7.07
CA SER B 42 -4.49 -15.06 -7.35
C SER B 42 -4.87 -14.71 -8.80
N VAL B 43 -4.42 -13.55 -9.28
CA VAL B 43 -4.68 -13.13 -10.66
C VAL B 43 -4.02 -14.10 -11.65
N LEU B 44 -2.74 -14.38 -11.42
CA LEU B 44 -2.00 -15.19 -12.38
C LEU B 44 -2.63 -16.58 -12.51
N GLU B 45 -2.94 -17.23 -11.40
CA GLU B 45 -3.50 -18.57 -11.53
C GLU B 45 -4.92 -18.56 -12.13
N SER B 46 -5.63 -17.43 -12.00
CA SER B 46 -6.96 -17.33 -12.61
C SER B 46 -6.91 -17.43 -14.15
N LEU B 47 -5.75 -17.14 -14.72
CA LEU B 47 -5.55 -17.28 -16.15
C LEU B 47 -5.37 -18.74 -16.54
N VAL B 48 -5.06 -19.57 -15.54
CA VAL B 48 -4.94 -21.03 -15.70
C VAL B 48 -6.29 -21.68 -15.35
N GLY B 49 -6.95 -21.17 -14.31
CA GLY B 49 -8.24 -21.71 -13.84
C GLY B 49 -8.10 -22.95 -12.97
N ARG B 50 -6.85 -23.31 -12.66
CA ARG B 50 -6.52 -24.38 -11.70
C ARG B 50 -5.76 -23.73 -10.55
N ASP B 51 -5.95 -24.24 -9.34
CA ASP B 51 -5.36 -23.66 -8.13
C ASP B 51 -3.97 -24.17 -7.74
N LEU B 52 -2.95 -23.73 -8.45
CA LEU B 52 -1.62 -24.27 -8.22
C LEU B 52 -0.63 -23.34 -7.52
N LEU B 53 -1.00 -22.07 -7.36
CA LEU B 53 -0.07 -21.12 -6.73
C LEU B 53 -0.39 -20.89 -5.26
N PRO B 54 0.65 -20.94 -4.39
CA PRO B 54 0.45 -20.55 -2.99
C PRO B 54 -0.05 -19.12 -2.89
N ARG B 55 -1.13 -18.97 -2.14
CA ARG B 55 -1.79 -17.70 -1.90
C ARG B 55 -2.11 -17.64 -0.42
N GLY B 56 -2.14 -16.44 0.14
CA GLY B 56 -2.42 -16.31 1.57
C GLY B 56 -2.11 -14.94 2.11
N THR B 57 -2.15 -14.82 3.44
CA THR B 57 -1.85 -13.56 4.10
C THR B 57 -0.34 -13.43 4.35
N GLY B 58 0.11 -12.21 4.59
CA GLY B 58 1.53 -11.90 4.83
C GLY B 58 2.36 -12.13 3.58
N ILE B 59 3.67 -12.35 3.75
CA ILE B 59 4.53 -12.63 2.61
C ILE B 59 4.40 -14.08 2.16
N VAL B 60 4.01 -14.26 0.90
CA VAL B 60 3.77 -15.59 0.37
C VAL B 60 4.73 -15.97 -0.76
N THR B 61 4.69 -15.26 -1.88
CA THR B 61 5.61 -15.56 -2.99
C THR B 61 7.01 -15.06 -2.64
N ARG B 62 7.98 -15.99 -2.52
CA ARG B 62 9.33 -15.62 -2.05
C ARG B 62 10.48 -16.07 -2.97
N ARG B 63 10.09 -16.61 -4.14
CA ARG B 63 10.99 -16.85 -5.26
C ARG B 63 10.21 -16.56 -6.53
N PRO B 64 10.90 -16.17 -7.62
CA PRO B 64 10.18 -16.13 -8.89
C PRO B 64 9.68 -17.53 -9.24
N LEU B 65 8.49 -17.58 -9.85
CA LEU B 65 7.99 -18.81 -10.43
C LEU B 65 7.81 -18.61 -11.93
N ILE B 66 8.59 -19.34 -12.71
CA ILE B 66 8.46 -19.32 -14.16
C ILE B 66 7.55 -20.49 -14.52
N LEU B 67 6.30 -20.15 -14.82
CA LEU B 67 5.27 -21.13 -15.07
C LEU B 67 5.03 -21.22 -16.56
N GLN B 68 5.55 -22.29 -17.15
CA GLN B 68 5.45 -22.49 -18.58
C GLN B 68 4.26 -23.39 -18.88
N LEU B 69 3.23 -22.82 -19.50
CA LEU B 69 2.12 -23.62 -19.99
C LEU B 69 2.58 -24.29 -21.29
N VAL B 70 2.40 -25.60 -21.36
CA VAL B 70 2.81 -26.32 -22.56
C VAL B 70 1.61 -27.04 -23.15
N HIS B 71 1.22 -26.64 -24.36
CA HIS B 71 0.11 -27.27 -25.03
C HIS B 71 0.47 -28.69 -25.44
N VAL B 72 -0.42 -29.64 -25.17
CA VAL B 72 -0.15 -31.05 -25.50
C VAL B 72 -1.09 -31.55 -26.58
N SER B 73 -0.48 -32.14 -27.63
CA SER B 73 -1.18 -32.75 -28.76
C SER B 73 -1.95 -33.98 -28.33
N GLN B 74 -2.93 -34.38 -29.14
CA GLN B 74 -3.73 -35.58 -28.87
C GLN B 74 -2.91 -36.87 -28.89
N GLU B 75 -1.85 -36.90 -29.71
CA GLU B 75 -0.94 -38.05 -29.81
C GLU B 75 -0.06 -38.23 -28.55
N ASP B 76 0.16 -37.14 -27.82
CA ASP B 76 0.96 -37.16 -26.60
C ASP B 76 0.10 -36.98 -25.34
N LYS B 77 -1.21 -37.17 -25.51
CA LYS B 77 -2.22 -36.94 -24.47
C LYS B 77 -2.14 -37.92 -23.29
N ARG B 78 -3.04 -37.73 -22.31
CA ARG B 78 -3.10 -38.51 -21.07
C ARG B 78 -1.95 -38.20 -20.12
N ALA B 89 -7.38 -35.76 -15.06
CA ALA B 89 -6.66 -36.90 -15.64
C ALA B 89 -6.00 -36.54 -16.98
N GLU B 90 -6.14 -35.30 -17.42
CA GLU B 90 -5.59 -34.90 -18.73
C GLU B 90 -4.38 -33.96 -18.61
N GLU B 91 -4.12 -33.48 -17.41
CA GLU B 91 -3.12 -32.44 -17.18
C GLU B 91 -2.08 -32.88 -16.16
N TRP B 92 -0.83 -32.47 -16.36
CA TRP B 92 0.23 -32.79 -15.40
C TRP B 92 1.29 -31.71 -15.35
N GLY B 93 2.12 -31.78 -14.30
CA GLY B 93 3.22 -30.84 -14.11
C GLY B 93 4.55 -31.51 -13.89
N LYS B 94 5.61 -30.81 -14.28
CA LYS B 94 7.00 -31.20 -14.03
C LYS B 94 7.79 -29.98 -13.56
N PHE B 95 8.61 -30.17 -12.55
CA PHE B 95 9.55 -29.15 -12.11
C PHE B 95 10.94 -29.56 -12.56
N LEU B 96 11.74 -28.57 -12.96
CA LEU B 96 13.14 -28.80 -13.29
C LEU B 96 13.91 -29.44 -12.13
N HIS B 97 13.71 -28.92 -10.91
CA HIS B 97 14.39 -29.42 -9.72
C HIS B 97 13.99 -30.83 -9.25
N THR B 98 12.83 -31.31 -9.67
CA THR B 98 12.43 -32.70 -9.41
C THR B 98 12.54 -33.59 -10.64
N LYS B 99 13.35 -33.13 -11.59
CA LYS B 99 13.65 -33.88 -12.82
C LYS B 99 12.39 -34.47 -13.45
N ASN B 100 12.33 -35.78 -13.62
CA ASN B 100 11.25 -36.40 -14.41
C ASN B 100 10.01 -36.79 -13.63
N LYS B 101 9.94 -36.40 -12.36
CA LYS B 101 8.75 -36.69 -11.54
C LYS B 101 7.53 -36.00 -12.14
N LEU B 102 6.45 -36.76 -12.30
CA LEU B 102 5.23 -36.23 -12.87
C LEU B 102 4.24 -35.93 -11.75
N TYR B 103 3.69 -34.72 -11.77
CA TYR B 103 2.68 -34.32 -10.79
C TYR B 103 1.32 -34.30 -11.43
N THR B 104 0.42 -35.08 -10.84
CA THR B 104 -0.94 -35.23 -11.33
C THR B 104 -1.92 -34.40 -10.49
N ASP B 105 -1.59 -34.22 -9.21
CA ASP B 105 -2.45 -33.49 -8.27
C ASP B 105 -1.95 -32.04 -8.18
N PHE B 106 -2.84 -31.11 -8.48
CA PHE B 106 -2.46 -29.69 -8.48
C PHE B 106 -2.27 -29.14 -7.07
N ASP B 107 -2.87 -29.80 -6.07
CA ASP B 107 -2.62 -29.47 -4.68
C ASP B 107 -1.18 -29.82 -4.32
N GLU B 108 -0.67 -30.90 -4.89
CA GLU B 108 0.71 -31.34 -4.64
C GLU B 108 1.71 -30.42 -5.34
N ILE B 109 1.31 -29.89 -6.48
CA ILE B 109 2.13 -28.92 -7.21
C ILE B 109 2.26 -27.65 -6.37
N ARG B 110 1.15 -27.19 -5.82
CA ARG B 110 1.14 -26.01 -4.95
C ARG B 110 2.05 -26.22 -3.75
N GLN B 111 1.91 -27.38 -3.10
CA GLN B 111 2.76 -27.73 -1.97
C GLN B 111 4.26 -27.78 -2.32
N GLU B 112 4.58 -28.29 -3.52
CA GLU B 112 5.98 -28.38 -3.94
C GLU B 112 6.60 -26.99 -4.18
N ILE B 113 5.81 -26.07 -4.72
CA ILE B 113 6.27 -24.67 -4.83
C ILE B 113 6.65 -24.16 -3.45
N GLU B 114 5.78 -24.40 -2.47
CA GLU B 114 6.04 -24.01 -1.09
C GLU B 114 7.30 -24.69 -0.56
N ASN B 115 7.43 -25.99 -0.82
CA ASN B 115 8.58 -26.77 -0.34
C ASN B 115 9.90 -26.24 -0.87
N GLU B 116 9.93 -25.99 -2.18
CA GLU B 116 11.12 -25.56 -2.87
C GLU B 116 11.44 -24.10 -2.54
N THR B 117 10.40 -23.33 -2.22
CA THR B 117 10.59 -21.98 -1.66
C THR B 117 11.29 -22.07 -0.29
N GLU B 118 10.80 -22.97 0.57
CA GLU B 118 11.39 -23.15 1.91
C GLU B 118 12.85 -23.62 1.86
N ARG B 119 13.17 -24.48 0.91
CA ARG B 119 14.52 -25.01 0.79
C ARG B 119 15.54 -23.89 0.55
N ILE B 120 15.22 -23.00 -0.38
CA ILE B 120 16.15 -21.97 -0.84
C ILE B 120 16.00 -20.65 -0.08
N SER B 121 14.77 -20.31 0.29
CA SER B 121 14.49 -19.01 0.92
C SER B 121 14.36 -19.09 2.44
N GLY B 122 14.25 -20.31 2.97
CA GLY B 122 14.11 -20.52 4.41
C GLY B 122 12.65 -20.44 4.84
N ASN B 123 12.41 -20.64 6.14
CA ASN B 123 11.05 -20.60 6.69
C ASN B 123 10.78 -19.41 7.63
N ASN B 124 11.55 -18.33 7.46
CA ASN B 124 11.29 -17.11 8.21
C ASN B 124 11.31 -15.87 7.30
N LYS B 125 10.49 -15.93 6.26
CA LYS B 125 10.15 -14.77 5.40
C LYS B 125 11.23 -14.30 4.42
N GLY B 126 12.34 -15.03 4.30
CA GLY B 126 13.42 -14.66 3.37
C GLY B 126 12.98 -14.74 1.92
N VAL B 127 13.69 -14.03 1.04
CA VAL B 127 13.34 -14.02 -0.38
C VAL B 127 14.59 -14.32 -1.22
N SER B 128 14.44 -15.18 -2.22
CA SER B 128 15.54 -15.51 -3.11
C SER B 128 15.19 -15.15 -4.55
N PRO B 129 16.17 -14.66 -5.34
CA PRO B 129 15.91 -14.37 -6.76
C PRO B 129 15.99 -15.62 -7.68
N GLU B 130 16.41 -16.76 -7.14
CA GLU B 130 16.52 -18.00 -7.94
C GLU B 130 15.12 -18.51 -8.32
N PRO B 131 14.80 -18.56 -9.63
CA PRO B 131 13.44 -18.97 -10.02
C PRO B 131 13.18 -20.45 -9.81
N ILE B 132 11.93 -20.78 -9.51
CA ILE B 132 11.42 -22.13 -9.62
C ILE B 132 10.89 -22.31 -11.04
N HIS B 133 11.29 -23.40 -11.69
CA HIS B 133 10.85 -23.68 -13.06
C HIS B 133 9.80 -24.77 -13.08
N LEU B 134 8.59 -24.43 -13.54
CA LEU B 134 7.47 -25.37 -13.57
C LEU B 134 6.85 -25.40 -14.97
N LYS B 135 6.60 -26.60 -15.48
CA LYS B 135 5.85 -26.76 -16.73
C LYS B 135 4.53 -27.41 -16.39
N ILE B 136 3.44 -26.90 -16.97
CA ILE B 136 2.13 -27.52 -16.85
C ILE B 136 1.72 -27.94 -18.26
N PHE B 137 1.58 -29.25 -18.44
CA PHE B 137 1.21 -29.85 -19.72
C PHE B 137 -0.29 -30.07 -19.75
N SER B 138 -0.95 -29.59 -20.82
CA SER B 138 -2.41 -29.69 -20.91
C SER B 138 -2.90 -29.51 -22.35
N PRO B 139 -3.99 -30.20 -22.73
CA PRO B 139 -4.62 -29.86 -24.00
C PRO B 139 -5.46 -28.56 -23.94
N ASN B 140 -5.70 -28.05 -22.73
CA ASN B 140 -6.52 -26.84 -22.51
C ASN B 140 -5.74 -25.54 -22.36
N VAL B 141 -4.44 -25.56 -22.64
CA VAL B 141 -3.64 -24.35 -22.50
C VAL B 141 -2.92 -24.04 -23.80
N VAL B 142 -2.56 -22.78 -23.99
CA VAL B 142 -1.65 -22.42 -25.07
C VAL B 142 -0.21 -22.52 -24.58
N ASN B 143 0.76 -22.37 -25.48
CA ASN B 143 2.16 -22.27 -25.08
C ASN B 143 2.45 -20.85 -24.61
N LEU B 144 2.58 -20.69 -23.30
CA LEU B 144 2.61 -19.36 -22.70
C LEU B 144 3.37 -19.45 -21.38
N THR B 145 4.26 -18.48 -21.15
CA THR B 145 5.00 -18.40 -19.90
C THR B 145 4.40 -17.29 -19.01
N LEU B 146 4.02 -17.68 -17.81
CA LEU B 146 3.52 -16.78 -16.80
C LEU B 146 4.57 -16.69 -15.69
N VAL B 147 4.80 -15.49 -15.19
CA VAL B 147 5.84 -15.30 -14.18
C VAL B 147 5.21 -14.70 -12.91
N ASP B 148 5.29 -15.46 -11.82
CA ASP B 148 4.85 -14.98 -10.52
C ASP B 148 6.07 -14.43 -9.79
N LEU B 149 5.88 -13.33 -9.05
CA LEU B 149 7.00 -12.67 -8.39
C LEU B 149 6.64 -12.24 -6.98
N PRO B 150 7.67 -12.12 -6.11
CA PRO B 150 7.44 -11.52 -4.79
C PRO B 150 6.92 -10.11 -4.92
N GLY B 151 6.15 -9.67 -3.92
CA GLY B 151 5.56 -8.35 -3.91
C GLY B 151 6.48 -7.31 -3.35
N MET B 152 6.31 -6.06 -3.77
CA MET B 152 7.17 -4.99 -3.28
C MET B 152 6.92 -4.72 -1.79
N THR B 153 7.97 -4.35 -1.05
CA THR B 153 7.86 -4.16 0.40
C THR B 153 8.61 -2.91 0.89
N LYS B 154 8.56 -2.63 2.20
CA LYS B 154 9.18 -1.42 2.76
C LYS B 154 10.06 -1.64 3.98
N VAL B 155 9.66 -2.54 4.88
CA VAL B 155 10.38 -2.75 6.15
C VAL B 155 10.77 -4.22 6.31
N PRO B 156 12.07 -4.51 6.47
CA PRO B 156 12.52 -5.90 6.59
C PRO B 156 11.87 -6.62 7.77
N VAL B 157 11.48 -7.87 7.55
CA VAL B 157 10.95 -8.75 8.58
C VAL B 157 11.63 -10.11 8.48
N GLY B 158 11.58 -10.88 9.57
CA GLY B 158 12.16 -12.23 9.58
C GLY B 158 13.62 -12.24 9.23
N ASP B 159 14.00 -13.16 8.34
CA ASP B 159 15.36 -13.30 7.83
C ASP B 159 15.79 -12.22 6.83
N GLN B 160 14.87 -11.35 6.40
CA GLN B 160 15.18 -10.37 5.35
C GLN B 160 16.30 -9.38 5.71
N PRO B 161 17.19 -9.11 4.74
CA PRO B 161 18.26 -8.14 4.94
C PRO B 161 17.75 -6.70 4.88
N LYS B 162 18.61 -5.75 5.23
CA LYS B 162 18.23 -4.34 5.31
C LYS B 162 17.84 -3.77 3.95
N ASP B 163 18.41 -4.33 2.88
CA ASP B 163 18.10 -3.85 1.54
C ASP B 163 17.08 -4.73 0.78
N ILE B 164 16.23 -5.43 1.52
CA ILE B 164 15.19 -6.31 0.93
C ILE B 164 14.31 -5.60 -0.10
N GLU B 165 13.96 -4.35 0.15
CA GLU B 165 13.10 -3.62 -0.79
C GLU B 165 13.77 -3.51 -2.16
N LEU B 166 15.01 -3.06 -2.16
CA LEU B 166 15.74 -2.93 -3.42
C LEU B 166 16.01 -4.29 -4.11
N GLN B 167 16.32 -5.32 -3.35
CA GLN B 167 16.55 -6.65 -3.93
C GLN B 167 15.32 -7.12 -4.69
N ILE B 168 14.15 -6.88 -4.11
CA ILE B 168 12.89 -7.30 -4.72
C ILE B 168 12.58 -6.42 -5.94
N ARG B 169 12.75 -5.11 -5.80
CA ARG B 169 12.45 -4.20 -6.93
C ARG B 169 13.35 -4.50 -8.14
N GLU B 170 14.63 -4.72 -7.87
CA GLU B 170 15.57 -5.05 -8.93
C GLU B 170 15.26 -6.40 -9.57
N LEU B 171 14.83 -7.36 -8.77
CA LEU B 171 14.38 -8.66 -9.27
C LEU B 171 13.20 -8.50 -10.26
N ILE B 172 12.20 -7.73 -9.83
CA ILE B 172 11.05 -7.48 -10.67
C ILE B 172 11.48 -6.83 -11.99
N LEU B 173 12.33 -5.80 -11.88
CA LEU B 173 12.86 -5.11 -13.05
C LEU B 173 13.52 -6.05 -14.07
N ARG B 174 14.27 -7.04 -13.60
CA ARG B 174 14.91 -8.01 -14.48
C ARG B 174 13.90 -8.74 -15.37
N PHE B 175 12.74 -9.07 -14.81
CA PHE B 175 11.70 -9.73 -15.60
C PHE B 175 10.89 -8.79 -16.50
N ILE B 176 10.46 -7.65 -15.97
CA ILE B 176 9.59 -6.79 -16.76
C ILE B 176 10.35 -5.92 -17.77
N SER B 177 11.68 -5.79 -17.59
CA SER B 177 12.50 -5.05 -18.58
C SER B 177 12.63 -5.83 -19.91
N ASN B 178 12.29 -7.12 -19.90
CA ASN B 178 12.16 -7.93 -21.12
C ASN B 178 11.14 -7.29 -22.07
N PRO B 179 11.59 -6.81 -23.26
CA PRO B 179 10.63 -6.16 -24.17
C PRO B 179 9.48 -7.07 -24.63
N ASN B 180 9.74 -8.38 -24.72
CA ASN B 180 8.70 -9.35 -25.07
C ASN B 180 8.03 -9.88 -23.81
N SER B 181 7.42 -8.98 -23.05
CA SER B 181 6.61 -9.32 -21.89
C SER B 181 5.45 -8.35 -21.76
N ILE B 182 4.31 -8.87 -21.31
CA ILE B 182 3.15 -8.05 -20.96
C ILE B 182 3.14 -7.96 -19.44
N ILE B 183 3.05 -6.73 -18.92
CA ILE B 183 3.10 -6.53 -17.48
C ILE B 183 1.67 -6.42 -16.92
N LEU B 184 1.32 -7.31 -16.02
CA LEU B 184 0.07 -7.16 -15.31
C LEU B 184 0.38 -6.35 -14.06
N ALA B 185 0.09 -5.05 -14.12
CA ALA B 185 0.34 -4.14 -13.01
C ALA B 185 -0.81 -4.23 -12.02
N VAL B 186 -0.58 -4.88 -10.89
CA VAL B 186 -1.67 -5.24 -9.97
C VAL B 186 -1.71 -4.26 -8.80
N THR B 187 -2.88 -3.65 -8.61
CA THR B 187 -3.12 -2.71 -7.50
C THR B 187 -4.45 -3.06 -6.78
N ALA B 188 -4.39 -3.17 -5.45
CA ALA B 188 -5.57 -3.48 -4.65
C ALA B 188 -6.53 -2.27 -4.64
N ALA B 189 -7.84 -2.54 -4.72
CA ALA B 189 -8.85 -1.48 -4.87
C ALA B 189 -9.03 -0.67 -3.60
N ASN B 190 -8.60 -1.26 -2.48
CA ASN B 190 -8.71 -0.65 -1.15
C ASN B 190 -7.48 0.21 -0.82
N THR B 191 -6.77 0.62 -1.87
CA THR B 191 -5.68 1.59 -1.80
C THR B 191 -5.94 2.62 -2.91
N ASP B 192 -5.40 3.83 -2.75
CA ASP B 192 -5.57 4.87 -3.76
C ASP B 192 -4.73 4.51 -4.98
N MET B 193 -5.30 4.64 -6.16
CA MET B 193 -4.59 4.26 -7.38
C MET B 193 -3.26 5.01 -7.54
N ALA B 194 -3.22 6.27 -7.10
CA ALA B 194 -1.99 7.07 -7.23
C ALA B 194 -0.85 6.52 -6.39
N THR B 195 -1.14 5.60 -5.46
CA THR B 195 -0.10 4.97 -4.65
C THR B 195 0.36 3.64 -5.24
N SER B 196 0.01 3.38 -6.51
CA SER B 196 0.26 2.07 -7.12
C SER B 196 1.75 1.89 -7.40
N GLU B 197 2.37 1.00 -6.64
CA GLU B 197 3.76 0.63 -6.90
C GLU B 197 3.91 -0.12 -8.22
N ALA B 198 2.91 -0.93 -8.57
CA ALA B 198 2.84 -1.63 -9.85
C ALA B 198 2.90 -0.65 -11.03
N LEU B 199 2.06 0.39 -11.01
CA LEU B 199 2.09 1.34 -12.14
C LEU B 199 3.36 2.18 -12.18
N LYS B 200 3.89 2.56 -11.00
CA LYS B 200 5.16 3.29 -10.95
C LYS B 200 6.30 2.49 -11.60
N ILE B 201 6.46 1.24 -11.18
CA ILE B 201 7.55 0.39 -11.71
C ILE B 201 7.33 0.06 -13.19
N SER B 202 6.08 -0.14 -13.60
CA SER B 202 5.79 -0.46 -15.01
C SER B 202 6.19 0.71 -15.93
N ARG B 203 5.94 1.93 -15.48
CA ARG B 203 6.29 3.12 -16.26
C ARG B 203 7.79 3.33 -16.43
N GLU B 204 8.59 2.74 -15.54
CA GLU B 204 10.04 2.85 -15.67
C GLU B 204 10.56 2.02 -16.84
N VAL B 205 9.94 0.87 -17.10
CA VAL B 205 10.36 0.02 -18.22
C VAL B 205 9.48 0.21 -19.44
N ASP B 206 8.26 0.68 -19.23
CA ASP B 206 7.28 0.84 -20.31
C ASP B 206 6.68 2.24 -20.22
N PRO B 207 7.50 3.26 -20.49
CA PRO B 207 7.04 4.64 -20.31
C PRO B 207 5.81 4.98 -21.14
N ASP B 208 5.73 4.44 -22.36
CA ASP B 208 4.66 4.74 -23.29
C ASP B 208 3.39 3.90 -23.09
N GLY B 209 3.45 2.91 -22.18
CA GLY B 209 2.28 2.09 -21.83
C GLY B 209 1.87 1.08 -22.91
N ARG B 210 2.81 0.70 -23.77
CA ARG B 210 2.53 -0.23 -24.85
C ARG B 210 2.34 -1.68 -24.42
N ARG B 211 2.73 -2.02 -23.18
CA ARG B 211 2.68 -3.42 -22.75
C ARG B 211 2.33 -3.58 -21.26
N THR B 212 1.60 -2.60 -20.73
CA THR B 212 1.20 -2.60 -19.33
C THR B 212 -0.32 -2.61 -19.27
N LEU B 213 -0.86 -3.62 -18.59
CA LEU B 213 -2.30 -3.72 -18.35
C LEU B 213 -2.54 -3.62 -16.85
N ALA B 214 -3.36 -2.67 -16.43
CA ALA B 214 -3.65 -2.47 -14.99
C ALA B 214 -4.79 -3.39 -14.54
N VAL B 215 -4.54 -4.13 -13.47
CA VAL B 215 -5.55 -5.00 -12.88
C VAL B 215 -5.83 -4.41 -11.50
N ILE B 216 -7.11 -4.22 -11.19
CA ILE B 216 -7.55 -3.66 -9.92
C ILE B 216 -8.25 -4.80 -9.18
N THR B 217 -7.59 -5.28 -8.13
CA THR B 217 -8.10 -6.42 -7.37
C THR B 217 -8.92 -5.95 -6.16
N LYS B 218 -9.57 -6.90 -5.49
CA LYS B 218 -10.18 -6.62 -4.17
C LYS B 218 -11.23 -5.51 -4.20
N LEU B 219 -11.97 -5.40 -5.31
CA LEU B 219 -13.10 -4.45 -5.42
C LEU B 219 -14.06 -4.64 -4.25
N ASP B 220 -14.19 -5.89 -3.81
CA ASP B 220 -15.11 -6.24 -2.71
C ASP B 220 -14.69 -5.65 -1.35
N LEU B 221 -13.43 -5.22 -1.24
CA LEU B 221 -12.92 -4.70 0.04
C LEU B 221 -12.96 -3.20 0.25
N MET B 222 -13.54 -2.50 -0.72
CA MET B 222 -13.57 -1.04 -0.67
C MET B 222 -14.46 -0.54 0.45
N ASP B 223 -13.98 0.48 1.16
CA ASP B 223 -14.75 1.15 2.23
C ASP B 223 -16.18 1.48 1.80
N ALA B 224 -17.13 1.30 2.70
CA ALA B 224 -18.50 1.72 2.43
C ALA B 224 -18.50 3.22 2.14
N GLY B 225 -19.31 3.62 1.16
CA GLY B 225 -19.33 5.01 0.71
C GLY B 225 -18.32 5.33 -0.38
N THR B 226 -17.61 4.30 -0.86
CA THR B 226 -16.61 4.49 -1.90
C THR B 226 -16.77 3.39 -2.95
N ASP B 227 -16.24 3.65 -4.14
CA ASP B 227 -16.14 2.63 -5.18
C ASP B 227 -15.06 3.02 -6.16
N ALA B 228 -14.79 2.12 -7.09
CA ALA B 228 -13.70 2.28 -8.06
C ALA B 228 -14.16 2.77 -9.44
N MET B 229 -15.34 3.39 -9.51
CA MET B 229 -15.85 3.88 -10.79
C MET B 229 -14.85 4.79 -11.52
N ASP B 230 -14.28 5.77 -10.81
CA ASP B 230 -13.35 6.73 -11.42
C ASP B 230 -12.08 6.03 -11.89
N VAL B 231 -11.56 5.16 -11.04
CA VAL B 231 -10.40 4.34 -11.37
C VAL B 231 -10.66 3.51 -12.64
N LEU B 232 -11.77 2.77 -12.64
CA LEU B 232 -12.07 1.86 -13.74
C LEU B 232 -12.40 2.59 -15.04
N MET B 233 -12.83 3.84 -14.93
CA MET B 233 -13.17 4.66 -16.11
C MET B 233 -11.99 5.46 -16.64
N GLY B 234 -10.84 5.29 -16.00
CA GLY B 234 -9.61 5.92 -16.46
C GLY B 234 -9.55 7.39 -16.07
N ARG B 235 -10.30 7.75 -15.03
CA ARG B 235 -10.37 9.15 -14.62
C ARG B 235 -9.38 9.50 -13.54
N VAL B 236 -8.63 8.51 -13.08
CA VAL B 236 -7.59 8.76 -12.09
C VAL B 236 -6.24 8.74 -12.80
N ILE B 237 -5.74 7.54 -13.10
CA ILE B 237 -4.57 7.37 -13.95
C ILE B 237 -5.05 6.67 -15.21
N PRO B 238 -4.84 7.29 -16.39
CA PRO B 238 -5.14 6.60 -17.64
C PRO B 238 -4.13 5.49 -17.91
N VAL B 239 -4.62 4.34 -18.37
CA VAL B 239 -3.75 3.24 -18.75
C VAL B 239 -4.22 2.76 -20.13
N LYS B 240 -3.44 3.08 -21.16
CA LYS B 240 -3.78 2.83 -22.57
C LYS B 240 -4.42 1.46 -22.85
N LEU B 241 -3.78 0.40 -22.38
CA LEU B 241 -4.23 -0.97 -22.69
C LEU B 241 -5.46 -1.43 -21.91
N GLY B 242 -5.72 -0.76 -20.79
CA GLY B 242 -6.91 -1.07 -20.03
C GLY B 242 -6.69 -1.06 -18.54
N ILE B 243 -7.80 -0.89 -17.83
CA ILE B 243 -7.87 -1.01 -16.39
C ILE B 243 -9.02 -1.97 -16.12
N ILE B 244 -8.70 -3.13 -15.57
CA ILE B 244 -9.63 -4.23 -15.44
C ILE B 244 -9.76 -4.63 -13.97
N GLY B 245 -10.96 -4.51 -13.42
CA GLY B 245 -11.23 -4.84 -12.00
C GLY B 245 -11.60 -6.32 -11.88
N VAL B 246 -11.08 -6.97 -10.84
CA VAL B 246 -11.38 -8.38 -10.59
C VAL B 246 -11.72 -8.59 -9.11
N VAL B 247 -12.38 -9.70 -8.81
CA VAL B 247 -12.66 -10.08 -7.44
C VAL B 247 -12.30 -11.55 -7.30
N ASN B 248 -11.20 -11.79 -6.60
CA ASN B 248 -10.74 -13.13 -6.32
C ASN B 248 -11.11 -13.53 -4.89
N ARG B 249 -10.86 -14.79 -4.56
CA ARG B 249 -11.28 -15.36 -3.29
C ARG B 249 -10.60 -14.69 -2.09
N SER B 250 -11.40 -14.39 -1.07
CA SER B 250 -10.90 -13.86 0.19
C SER B 250 -10.14 -14.95 0.96
N GLN B 251 -9.48 -14.58 2.05
CA GLN B 251 -8.77 -15.59 2.84
C GLN B 251 -9.79 -16.57 3.44
N LEU B 252 -10.91 -16.04 3.90
CA LEU B 252 -12.00 -16.91 4.39
C LEU B 252 -12.41 -17.91 3.30
N ASP B 253 -12.56 -17.42 2.06
CA ASP B 253 -12.87 -18.29 0.91
C ASP B 253 -11.82 -19.37 0.70
N ILE B 254 -10.54 -19.00 0.79
CA ILE B 254 -9.45 -19.98 0.67
C ILE B 254 -9.55 -21.04 1.78
N ASN B 255 -9.77 -20.58 3.00
CA ASN B 255 -9.92 -21.45 4.18
C ASN B 255 -11.12 -22.38 4.04
N ASN B 256 -12.19 -21.86 3.44
CA ASN B 256 -13.40 -22.65 3.22
C ASN B 256 -13.42 -23.45 1.90
N LYS B 257 -12.28 -23.52 1.21
CA LYS B 257 -12.12 -24.32 -0.03
C LYS B 257 -13.10 -23.92 -1.13
N LYS B 258 -13.49 -22.65 -1.18
CA LYS B 258 -14.38 -22.17 -2.24
C LYS B 258 -13.75 -22.45 -3.60
N SER B 259 -14.56 -22.97 -4.52
CA SER B 259 -14.08 -23.38 -5.85
C SER B 259 -13.85 -22.17 -6.77
N VAL B 260 -13.12 -22.42 -7.86
CA VAL B 260 -12.91 -21.41 -8.91
C VAL B 260 -14.25 -21.04 -9.58
N THR B 261 -15.08 -22.04 -9.85
CA THR B 261 -16.42 -21.81 -10.44
C THR B 261 -17.24 -20.79 -9.64
N ASP B 262 -17.27 -20.97 -8.32
CA ASP B 262 -18.05 -20.10 -7.45
C ASP B 262 -17.42 -18.70 -7.34
N SER B 263 -16.09 -18.67 -7.34
CA SER B 263 -15.36 -17.40 -7.32
C SER B 263 -15.75 -16.54 -8.53
N ILE B 264 -15.73 -17.16 -9.71
CA ILE B 264 -16.08 -16.47 -10.96
C ILE B 264 -17.55 -16.04 -10.99
N ARG B 265 -18.46 -16.91 -10.54
CA ARG B 265 -19.88 -16.55 -10.48
C ARG B 265 -20.10 -15.34 -9.56
N ASP B 266 -19.46 -15.35 -8.40
CA ASP B 266 -19.58 -14.27 -7.44
C ASP B 266 -18.94 -12.97 -7.91
N GLU B 267 -17.81 -13.08 -8.58
CA GLU B 267 -17.23 -11.93 -9.27
C GLU B 267 -18.21 -11.31 -10.27
N TYR B 268 -18.82 -12.16 -11.12
CA TYR B 268 -19.79 -11.69 -12.11
C TYR B 268 -20.96 -10.98 -11.42
N ALA B 269 -21.53 -11.62 -10.41
CA ALA B 269 -22.63 -11.04 -9.62
C ALA B 269 -22.25 -9.71 -9.00
N PHE B 270 -21.03 -9.65 -8.45
CA PHE B 270 -20.55 -8.45 -7.78
C PHE B 270 -20.50 -7.27 -8.75
N LEU B 271 -19.91 -7.49 -9.93
CA LEU B 271 -19.81 -6.46 -10.95
C LEU B 271 -21.17 -6.02 -11.46
N GLN B 272 -22.09 -6.97 -11.62
CA GLN B 272 -23.46 -6.63 -12.00
C GLN B 272 -24.15 -5.70 -11.02
N LYS B 273 -23.91 -5.94 -9.74
CA LYS B 273 -24.59 -5.22 -8.65
C LYS B 273 -23.98 -3.85 -8.40
N LYS B 274 -22.65 -3.79 -8.44
CA LYS B 274 -21.94 -2.61 -7.99
C LYS B 274 -21.43 -1.74 -9.12
N TYR B 275 -21.20 -2.35 -10.29
CA TYR B 275 -20.63 -1.67 -11.45
C TYR B 275 -21.37 -2.03 -12.74
N PRO B 276 -22.72 -1.96 -12.73
CA PRO B 276 -23.51 -2.46 -13.86
C PRO B 276 -23.14 -1.84 -15.20
N SER B 277 -22.82 -0.55 -15.22
CA SER B 277 -22.50 0.16 -16.46
C SER B 277 -21.15 -0.26 -17.03
N LEU B 278 -20.28 -0.80 -16.17
CA LEU B 278 -18.94 -1.20 -16.58
C LEU B 278 -18.68 -2.71 -16.54
N ALA B 279 -19.67 -3.48 -16.11
CA ALA B 279 -19.50 -4.92 -15.80
C ALA B 279 -18.97 -5.75 -16.98
N ASN B 280 -19.43 -5.44 -18.19
CA ASN B 280 -18.99 -6.19 -19.37
C ASN B 280 -17.54 -5.91 -19.82
N ARG B 281 -16.89 -4.88 -19.26
CA ARG B 281 -15.48 -4.61 -19.55
C ARG B 281 -14.61 -4.82 -18.32
N ASN B 282 -15.10 -5.65 -17.40
CA ASN B 282 -14.35 -5.99 -16.19
C ASN B 282 -14.54 -7.46 -15.83
N GLY B 283 -13.79 -7.92 -14.83
CA GLY B 283 -13.80 -9.34 -14.46
C GLY B 283 -12.71 -10.18 -15.10
N THR B 284 -12.60 -11.41 -14.64
CA THR B 284 -11.48 -12.29 -15.00
C THR B 284 -11.54 -12.71 -16.46
N LYS B 285 -12.73 -13.04 -16.96
CA LYS B 285 -12.86 -13.41 -18.36
C LYS B 285 -12.47 -12.25 -19.29
N TYR B 286 -12.81 -11.03 -18.89
CA TYR B 286 -12.46 -9.88 -19.69
C TYR B 286 -10.96 -9.63 -19.66
N LEU B 287 -10.32 -9.89 -18.52
CA LEU B 287 -8.86 -9.82 -18.44
C LEU B 287 -8.23 -10.80 -19.44
N ALA B 288 -8.76 -12.03 -19.47
CA ALA B 288 -8.27 -13.06 -20.40
C ALA B 288 -8.46 -12.67 -21.86
N ARG B 289 -9.64 -12.16 -22.18
CA ARG B 289 -9.95 -11.73 -23.56
C ARG B 289 -9.03 -10.59 -23.99
N THR B 290 -8.77 -9.65 -23.08
CA THR B 290 -7.83 -8.55 -23.36
C THR B 290 -6.42 -9.07 -23.63
N LEU B 291 -5.97 -10.01 -22.80
CA LEU B 291 -4.66 -10.61 -23.01
C LEU B 291 -4.59 -11.38 -24.33
N ASN B 292 -5.63 -12.16 -24.64
CA ASN B 292 -5.72 -12.83 -25.93
C ASN B 292 -5.52 -11.88 -27.10
N ARG B 293 -6.18 -10.73 -27.07
CA ARG B 293 -6.04 -9.75 -28.16
C ARG B 293 -4.59 -9.29 -28.30
N LEU B 294 -3.94 -9.02 -27.16
CA LEU B 294 -2.53 -8.61 -27.13
C LEU B 294 -1.60 -9.68 -27.71
N LEU B 295 -1.86 -10.94 -27.32
CA LEU B 295 -1.08 -12.09 -27.80
C LEU B 295 -1.30 -12.31 -29.29
N MET B 296 -2.55 -12.20 -29.74
CA MET B 296 -2.86 -12.32 -31.17
C MET B 296 -2.21 -11.20 -31.99
N HIS B 297 -2.19 -9.98 -31.43
CA HIS B 297 -1.50 -8.88 -32.10
C HIS B 297 0.01 -9.16 -32.27
N HIS B 298 0.63 -9.79 -31.27
CA HIS B 298 2.03 -10.18 -31.41
C HIS B 298 2.23 -11.23 -32.52
N ILE B 299 1.32 -12.21 -32.56
CA ILE B 299 1.34 -13.25 -33.59
C ILE B 299 1.23 -12.60 -34.98
N ARG B 300 0.23 -11.75 -35.15
CA ARG B 300 0.06 -11.09 -36.45
C ARG B 300 1.28 -10.28 -36.86
N ASP B 301 1.89 -9.59 -35.89
CA ASP B 301 3.09 -8.79 -36.12
C ASP B 301 4.26 -9.64 -36.67
N CYS B 302 4.32 -10.89 -36.25
CA CYS B 302 5.44 -11.79 -36.54
C CYS B 302 5.22 -12.69 -37.75
N LEU B 303 4.02 -12.66 -38.32
CA LEU B 303 3.77 -13.52 -39.50
C LEU B 303 4.71 -13.23 -40.69
N PRO B 304 5.04 -11.94 -40.94
CA PRO B 304 5.95 -11.74 -42.08
C PRO B 304 7.29 -12.46 -41.92
N GLU B 305 7.83 -12.47 -40.70
CA GLU B 305 9.05 -13.24 -40.39
C GLU B 305 8.87 -14.73 -40.65
N LEU B 306 7.74 -15.27 -40.19
CA LEU B 306 7.45 -16.67 -40.37
C LEU B 306 7.34 -17.04 -41.86
N LYS B 307 6.66 -16.18 -42.60
CA LYS B 307 6.45 -16.37 -44.04
C LYS B 307 7.78 -16.35 -44.77
N THR B 308 8.60 -15.37 -44.42
CA THR B 308 9.95 -15.26 -44.98
C THR B 308 10.78 -16.51 -44.70
N ARG B 309 10.66 -17.01 -43.47
CA ARG B 309 11.38 -18.22 -43.07
C ARG B 309 10.96 -19.47 -43.87
N ILE B 310 9.66 -19.59 -44.15
CA ILE B 310 9.14 -20.63 -45.04
C ILE B 310 9.75 -20.55 -46.44
N ASN B 311 9.79 -19.32 -46.99
CA ASN B 311 10.39 -19.09 -48.30
C ASN B 311 11.88 -19.43 -48.33
N VAL B 312 12.58 -19.14 -47.24
CA VAL B 312 14.00 -19.52 -47.13
C VAL B 312 14.14 -21.04 -47.28
N LEU B 313 13.31 -21.80 -46.57
CA LEU B 313 13.33 -23.25 -46.70
C LEU B 313 12.81 -23.76 -48.05
N ALA B 314 11.68 -23.21 -48.51
CA ALA B 314 11.09 -23.61 -49.79
C ALA B 314 12.06 -23.45 -50.96
N ALA B 315 12.67 -22.28 -51.08
CA ALA B 315 13.65 -22.02 -52.13
C ALA B 315 14.81 -23.00 -52.06
N GLN B 316 15.24 -23.31 -50.85
CA GLN B 316 16.35 -24.24 -50.63
C GLN B 316 16.04 -25.68 -51.06
N TYR B 317 14.90 -26.21 -50.64
CA TYR B 317 14.50 -27.55 -51.06
C TYR B 317 14.24 -27.65 -52.57
N GLN B 318 13.80 -26.54 -53.15
CA GLN B 318 13.58 -26.43 -54.59
C GLN B 318 14.89 -26.55 -55.37
N SER B 319 15.98 -26.05 -54.78
CA SER B 319 17.32 -26.10 -55.38
C SER B 319 17.89 -27.52 -55.31
N LEU B 320 17.66 -28.16 -54.17
CA LEU B 320 18.04 -29.56 -53.97
C LEU B 320 17.20 -30.47 -54.87
N LEU B 321 16.08 -29.94 -55.36
CA LEU B 321 15.24 -30.63 -56.33
C LEU B 321 15.66 -30.26 -57.76
N ASN B 322 16.98 -30.15 -57.96
CA ASN B 322 17.62 -29.93 -59.27
C ASN B 322 17.26 -28.64 -60.02
N SER B 323 16.60 -27.70 -59.33
CA SER B 323 16.27 -26.39 -59.91
C SER B 323 16.16 -25.31 -58.84
N ARG B 337 16.86 -37.97 -50.88
CA ARG B 337 17.16 -36.55 -51.04
C ARG B 337 16.11 -35.83 -51.89
N ARG B 338 15.91 -36.30 -53.13
CA ARG B 338 14.87 -35.75 -54.00
C ARG B 338 13.46 -35.92 -53.41
N LYS B 339 13.19 -37.11 -52.87
CA LYS B 339 11.91 -37.42 -52.25
C LYS B 339 11.68 -36.61 -50.97
N GLU B 340 12.73 -36.47 -50.16
CA GLU B 340 12.66 -35.63 -48.97
C GLU B 340 12.37 -34.17 -49.34
N ALA B 341 13.04 -33.69 -50.39
CA ALA B 341 12.83 -32.33 -50.91
C ALA B 341 11.41 -32.11 -51.40
N ALA B 342 10.86 -33.12 -52.10
CA ALA B 342 9.50 -33.05 -52.63
C ALA B 342 8.44 -32.98 -51.53
N ASP B 343 8.54 -33.85 -50.53
CA ASP B 343 7.63 -33.84 -49.38
C ASP B 343 7.68 -32.52 -48.64
N MET B 344 8.89 -32.02 -48.40
CA MET B 344 9.07 -30.77 -47.66
C MET B 344 8.46 -29.57 -48.39
N LEU B 345 8.63 -29.52 -49.71
CA LEU B 345 8.07 -28.44 -50.52
C LEU B 345 6.55 -28.37 -50.40
N LYS B 346 5.91 -29.54 -50.42
CA LYS B 346 4.46 -29.62 -50.27
C LYS B 346 4.06 -29.20 -48.86
N ALA B 347 4.81 -29.64 -47.86
CA ALA B 347 4.58 -29.26 -46.47
C ALA B 347 4.72 -27.75 -46.27
N LEU B 348 5.73 -27.16 -46.91
CA LEU B 348 5.98 -25.72 -46.87
C LEU B 348 4.90 -24.92 -47.64
N GLN B 349 4.40 -25.50 -48.73
CA GLN B 349 3.23 -24.93 -49.42
C GLN B 349 2.03 -24.88 -48.51
N GLY B 350 1.80 -25.96 -47.76
CA GLY B 350 0.73 -26.00 -46.76
C GLY B 350 0.94 -24.94 -45.69
N ALA B 351 2.17 -24.82 -45.20
CA ALA B 351 2.53 -23.84 -44.18
C ALA B 351 2.21 -22.40 -44.62
N SER B 352 2.49 -22.08 -45.89
CA SER B 352 2.16 -20.76 -46.45
C SER B 352 0.67 -20.47 -46.44
N GLN B 353 -0.14 -21.49 -46.74
CA GLN B 353 -1.59 -21.35 -46.70
C GLN B 353 -2.06 -21.11 -45.25
N ILE B 354 -1.47 -21.84 -44.31
CA ILE B 354 -1.81 -21.67 -42.90
C ILE B 354 -1.55 -20.23 -42.41
N ILE B 355 -0.44 -19.64 -42.83
CA ILE B 355 -0.12 -18.25 -42.46
C ILE B 355 -1.25 -17.29 -42.79
N ALA B 356 -1.77 -17.36 -44.01
CA ALA B 356 -2.86 -16.49 -44.42
C ALA B 356 -4.10 -16.71 -43.55
N GLU B 357 -4.42 -17.97 -43.28
CA GLU B 357 -5.56 -18.29 -42.40
C GLU B 357 -5.43 -17.66 -41.02
N ILE B 358 -4.22 -17.75 -40.44
CA ILE B 358 -3.96 -17.19 -39.10
C ILE B 358 -4.13 -15.67 -39.12
N ARG B 359 -3.54 -15.04 -40.14
CA ARG B 359 -3.62 -13.60 -40.35
C ARG B 359 -5.09 -13.16 -40.38
N GLU B 360 -5.90 -13.90 -41.13
CA GLU B 360 -7.32 -13.54 -41.34
C GLU B 360 -8.28 -14.02 -40.25
N THR B 361 -7.74 -14.64 -39.21
CA THR B 361 -8.53 -15.06 -38.06
C THR B 361 -8.76 -13.89 -37.11
N HIS B 362 -10.02 -13.63 -36.81
CA HIS B 362 -10.38 -12.64 -35.81
C HIS B 362 -11.12 -13.34 -34.68
N LEU B 363 -10.77 -12.99 -33.45
CA LEU B 363 -11.35 -13.66 -32.29
C LEU B 363 -12.76 -13.18 -31.99
N TRP B 364 -13.61 -14.09 -31.51
CA TRP B 364 -14.98 -13.76 -31.17
C TRP B 364 -15.08 -12.94 -29.88
#